data_5MSB
#
_entry.id   5MSB
#
_cell.length_a   77.104
_cell.length_b   74.133
_cell.length_c   91.587
_cell.angle_alpha   90.000
_cell.angle_beta   108.880
_cell.angle_gamma   90.000
#
_symmetry.space_group_name_H-M   'P 1 21 1'
#
loop_
_entity.id
_entity.type
_entity.pdbx_description
1 polymer 'Carbonic anhydrase 12'
2 non-polymer 'ZINC ION'
3 non-polymer 1,2-ETHANEDIOL
4 non-polymer 2,3,5,6-tetrafluoro-4-[(2-hydroxyethyl)sulfonyl]benzenesulfonamide
5 non-polymer DI(HYDROXYETHYL)ETHER
6 water water
#
_entity_poly.entity_id   1
_entity_poly.type   'polypeptide(L)'
_entity_poly.pdbx_seq_one_letter_code
;MSKWTYFGPDGENSWSKKYPSCGGLLQSPIDLHSDILQYDASLTPLEFQGYNLSANKQFLLTNNGHSVKLNLPSDMHIQG
LQSRYSATQLHLHWGNPNDPHGSEHTVSGQHFAAELHIVHYNSDLYPDASTASNKSEGLAVLAVLIEMGSFNPSYDKIFS
HLQHVKYKGQEAFVPGFNIEELLPERTAEYYRYRGSLTTPPCNPTVLWTVFRNPVQISQEQLLALETALYCTHMDDPSPR
EMINNFRQVQKFDERLVYTSFSQ
;
_entity_poly.pdbx_strand_id   A,B,C,D
#
loop_
_chem_comp.id
_chem_comp.type
_chem_comp.name
_chem_comp.formula
EDO non-polymer 1,2-ETHANEDIOL 'C2 H6 O2'
PEG non-polymer DI(HYDROXYETHYL)ETHER 'C4 H10 O3'
V13 non-polymer 2,3,5,6-tetrafluoro-4-[(2-hydroxyethyl)sulfonyl]benzenesulfonamide 'C8 H7 F4 N O5 S2'
ZN non-polymer 'ZINC ION' 'Zn 2'
#
# COMPACT_ATOMS: atom_id res chain seq x y z
N LYS A 3 -20.82 -7.42 28.06
CA LYS A 3 -20.49 -6.18 27.32
C LYS A 3 -18.96 -6.08 27.40
N TRP A 4 -18.41 -5.18 26.64
CA TRP A 4 -16.98 -4.92 26.58
C TRP A 4 -16.49 -3.95 27.64
N THR A 5 -15.23 -4.12 28.02
CA THR A 5 -14.60 -3.28 29.05
C THR A 5 -13.17 -2.99 28.61
N TYR A 6 -12.53 -2.19 29.42
CA TYR A 6 -11.11 -1.93 29.20
C TYR A 6 -10.19 -2.74 30.13
N PHE A 7 -10.74 -3.64 30.92
CA PHE A 7 -9.95 -4.38 31.91
C PHE A 7 -10.61 -5.73 32.14
N GLY A 8 -9.76 -6.72 32.41
CA GLY A 8 -10.21 -8.03 32.86
C GLY A 8 -10.73 -8.80 31.65
N PRO A 9 -11.59 -9.76 31.88
CA PRO A 9 -11.92 -10.76 30.85
C PRO A 9 -12.55 -10.21 29.62
N ASP A 10 -13.22 -9.07 29.74
CA ASP A 10 -13.88 -8.50 28.56
C ASP A 10 -13.11 -7.32 27.98
N GLY A 11 -11.84 -7.22 28.37
CA GLY A 11 -10.88 -6.18 27.92
C GLY A 11 -10.52 -6.30 26.43
N GLU A 12 -9.67 -5.38 25.99
CA GLU A 12 -9.53 -5.11 24.61
C GLU A 12 -8.95 -6.27 23.81
N ASN A 13 -8.17 -7.19 24.42
CA ASN A 13 -7.67 -8.35 23.65
C ASN A 13 -8.76 -9.31 23.29
N SER A 14 -9.93 -9.12 23.94
N SER A 14 -9.92 -9.15 23.93
CA SER A 14 -11.07 -10.03 23.71
CA SER A 14 -11.00 -10.08 23.60
C SER A 14 -12.15 -9.40 22.84
C SER A 14 -12.14 -9.40 22.84
N TRP A 15 -12.04 -8.12 22.54
CA TRP A 15 -13.13 -7.41 21.76
C TRP A 15 -13.42 -8.12 20.44
N SER A 16 -12.41 -8.70 19.84
CA SER A 16 -12.60 -9.22 18.49
C SER A 16 -13.49 -10.47 18.48
N LYS A 17 -13.71 -11.07 19.66
N LYS A 17 -13.75 -11.10 19.61
CA LYS A 17 -14.57 -12.24 19.76
CA LYS A 17 -14.63 -12.24 19.56
C LYS A 17 -16.01 -11.85 19.46
C LYS A 17 -16.01 -11.80 19.04
N LYS A 18 -16.49 -10.74 20.01
N LYS A 18 -16.60 -10.83 19.73
CA LYS A 18 -17.86 -10.32 19.69
CA LYS A 18 -17.94 -10.43 19.38
C LYS A 18 -17.97 -9.20 18.61
C LYS A 18 -17.89 -9.41 18.27
N TYR A 19 -16.81 -8.62 18.26
CA TYR A 19 -16.70 -7.46 17.42
C TYR A 19 -15.56 -7.72 16.42
N PRO A 20 -15.83 -8.40 15.33
CA PRO A 20 -14.75 -8.87 14.55
C PRO A 20 -13.89 -7.77 13.96
N SER A 21 -14.45 -6.58 13.70
CA SER A 21 -13.62 -5.53 13.16
C SER A 21 -12.47 -5.08 14.10
N CYS A 22 -12.58 -5.40 15.37
CA CYS A 22 -11.53 -5.03 16.30
C CYS A 22 -10.26 -5.82 16.04
N GLY A 23 -10.34 -6.88 15.26
CA GLY A 23 -9.19 -7.59 14.78
C GLY A 23 -8.87 -7.45 13.32
N GLY A 24 -9.53 -6.50 12.65
CA GLY A 24 -9.30 -6.30 11.24
C GLY A 24 -8.40 -5.17 10.90
N LEU A 25 -8.59 -4.62 9.71
CA LEU A 25 -7.75 -3.54 9.18
C LEU A 25 -8.07 -2.16 9.76
N LEU A 26 -7.05 -1.28 9.62
CA LEU A 26 -7.21 0.17 9.81
C LEU A 26 -7.49 0.51 11.26
N GLN A 27 -6.96 -0.25 12.20
CA GLN A 27 -7.33 -0.03 13.59
C GLN A 27 -6.63 1.17 14.21
N SER A 28 -7.38 1.85 15.08
CA SER A 28 -6.87 3.01 15.80
C SER A 28 -6.95 2.66 17.32
N PRO A 29 -6.23 3.37 18.19
CA PRO A 29 -5.39 4.49 17.91
C PRO A 29 -3.97 3.98 17.49
N ILE A 30 -3.10 4.93 17.21
CA ILE A 30 -1.76 4.67 16.70
C ILE A 30 -0.75 5.67 17.36
N ASP A 31 0.52 5.22 17.25
CA ASP A 31 1.61 6.16 17.62
C ASP A 31 1.91 7.03 16.44
N LEU A 32 1.98 8.32 16.69
CA LEU A 32 2.28 9.32 15.65
C LEU A 32 3.73 9.67 15.80
N HIS A 33 4.57 9.15 14.96
CA HIS A 33 6.04 9.39 15.13
C HIS A 33 6.65 9.79 13.82
N SER A 34 7.80 10.45 13.87
CA SER A 34 8.38 11.20 12.75
C SER A 34 8.48 10.36 11.47
N ASP A 35 8.95 9.10 11.59
CA ASP A 35 9.16 8.23 10.44
C ASP A 35 7.95 8.00 9.56
N ILE A 36 6.74 8.23 10.08
CA ILE A 36 5.55 7.87 9.31
C ILE A 36 4.77 9.14 8.99
N LEU A 37 5.33 10.28 9.32
CA LEU A 37 4.64 11.57 9.08
C LEU A 37 5.02 12.06 7.68
N GLN A 38 4.06 12.62 6.97
CA GLN A 38 4.36 13.22 5.67
C GLN A 38 3.49 14.46 5.50
N TYR A 39 4.13 15.62 5.32
CA TYR A 39 3.45 16.86 5.02
C TYR A 39 2.61 16.68 3.77
N ASP A 40 1.39 17.17 3.83
CA ASP A 40 0.51 17.17 2.67
C ASP A 40 -0.09 18.58 2.64
N ALA A 41 0.41 19.36 1.69
CA ALA A 41 -0.05 20.74 1.48
C ALA A 41 -1.58 20.86 1.22
N SER A 42 -2.23 19.74 0.86
CA SER A 42 -3.71 19.68 0.59
C SER A 42 -4.55 19.84 1.87
N LEU A 43 -3.90 19.65 2.99
CA LEU A 43 -4.61 19.62 4.28
C LEU A 43 -4.87 21.01 4.84
N THR A 44 -5.93 21.60 4.36
CA THR A 44 -6.26 22.98 4.71
C THR A 44 -7.10 23.04 6.01
N PRO A 45 -7.25 24.25 6.58
CA PRO A 45 -7.93 24.31 7.85
C PRO A 45 -9.36 23.87 7.80
N LEU A 46 -9.79 23.05 8.75
CA LEU A 46 -11.22 22.79 8.91
C LEU A 46 -11.96 24.00 9.39
N GLU A 47 -13.23 24.02 9.09
CA GLU A 47 -14.08 25.09 9.59
C GLU A 47 -15.12 24.46 10.50
N PHE A 48 -15.32 25.03 11.69
CA PHE A 48 -16.15 24.46 12.72
C PHE A 48 -17.42 25.26 12.75
N GLN A 49 -18.54 24.68 12.34
CA GLN A 49 -19.75 25.46 12.02
C GLN A 49 -20.77 25.03 13.04
N GLY A 50 -21.53 25.97 13.60
CA GLY A 50 -22.51 25.58 14.56
C GLY A 50 -21.92 25.08 15.85
N TYR A 51 -20.62 25.33 16.12
CA TYR A 51 -20.06 24.89 17.41
C TYR A 51 -20.45 25.78 18.58
N ASN A 52 -20.93 26.99 18.27
CA ASN A 52 -21.35 27.87 19.35
C ASN A 52 -22.80 27.50 19.75
N LEU A 53 -22.96 26.55 20.64
CA LEU A 53 -24.26 25.97 20.93
C LEU A 53 -25.05 26.99 21.71
N SER A 54 -26.32 27.07 21.35
CA SER A 54 -27.23 28.00 22.00
C SER A 54 -27.15 27.90 23.55
N ALA A 55 -26.81 28.96 24.26
CA ALA A 55 -26.93 28.93 25.75
C ALA A 55 -28.34 28.67 26.22
N ASN A 56 -29.32 28.85 25.31
CA ASN A 56 -30.75 28.62 25.58
C ASN A 56 -31.20 27.18 25.40
N LYS A 57 -30.28 26.33 24.90
CA LYS A 57 -30.57 24.90 24.73
C LYS A 57 -29.77 24.08 25.78
N GLN A 58 -30.20 22.85 26.09
CA GLN A 58 -29.48 21.96 27.00
C GLN A 58 -29.15 20.70 26.28
N PHE A 59 -27.99 20.17 26.60
CA PHE A 59 -27.45 19.02 25.85
C PHE A 59 -27.24 17.89 26.81
N LEU A 60 -27.62 16.69 26.43
CA LEU A 60 -27.63 15.56 27.34
C LEU A 60 -26.14 15.05 27.59
N LEU A 61 -25.74 14.98 28.84
CA LEU A 61 -24.51 14.36 29.30
C LEU A 61 -24.86 13.03 29.90
N THR A 62 -24.15 11.98 29.46
CA THR A 62 -24.45 10.61 29.94
C THR A 62 -23.15 9.87 30.38
N ASN A 63 -23.23 9.12 31.46
CA ASN A 63 -22.22 8.15 31.77
C ASN A 63 -22.74 6.87 31.16
N ASN A 64 -22.05 6.34 30.14
CA ASN A 64 -22.51 5.15 29.48
C ASN A 64 -21.72 3.89 29.87
N GLY A 65 -21.00 3.98 30.99
CA GLY A 65 -20.22 2.91 31.57
C GLY A 65 -18.86 2.73 30.88
N HIS A 66 -18.60 3.47 29.78
CA HIS A 66 -17.31 3.43 29.04
C HIS A 66 -16.59 4.76 29.08
N SER A 67 -17.37 5.84 29.08
CA SER A 67 -16.83 7.22 29.14
C SER A 67 -17.95 8.11 29.66
N VAL A 68 -17.69 9.43 29.65
CA VAL A 68 -18.69 10.39 29.79
C VAL A 68 -18.90 11.01 28.39
N LYS A 69 -20.19 11.08 27.93
CA LYS A 69 -20.48 11.59 26.57
C LYS A 69 -21.47 12.72 26.64
N LEU A 70 -21.23 13.72 25.79
CA LEU A 70 -22.13 14.85 25.64
C LEU A 70 -22.75 14.74 24.25
N ASN A 71 -24.10 14.67 24.19
CA ASN A 71 -24.77 14.63 22.90
C ASN A 71 -24.69 16.01 22.26
N LEU A 72 -24.50 16.02 20.96
CA LEU A 72 -24.32 17.29 20.17
C LEU A 72 -25.37 17.32 19.09
N PRO A 73 -25.78 18.54 18.65
CA PRO A 73 -26.82 18.64 17.68
C PRO A 73 -26.31 18.50 16.26
N SER A 74 -27.16 18.01 15.37
CA SER A 74 -26.71 17.74 14.02
C SER A 74 -26.46 18.96 13.15
N ASP A 75 -26.92 20.17 13.58
CA ASP A 75 -26.54 21.37 12.84
C ASP A 75 -25.11 21.73 13.10
N MET A 76 -24.46 21.16 14.11
CA MET A 76 -23.06 21.42 14.36
C MET A 76 -22.29 20.53 13.38
N HIS A 77 -21.35 21.08 12.65
CA HIS A 77 -20.64 20.26 11.67
C HIS A 77 -19.30 20.78 11.31
N ILE A 78 -18.49 19.94 10.64
CA ILE A 78 -17.24 20.30 10.07
C ILE A 78 -17.47 20.57 8.61
N GLN A 79 -16.86 21.68 8.15
CA GLN A 79 -16.82 22.00 6.75
C GLN A 79 -15.35 21.88 6.33
N GLY A 80 -15.09 21.30 5.16
CA GLY A 80 -13.73 21.20 4.59
C GLY A 80 -13.42 19.79 4.14
N LEU A 81 -14.21 18.81 4.58
CA LEU A 81 -13.96 17.41 4.17
C LEU A 81 -14.81 17.12 2.93
N GLN A 82 -14.66 15.91 2.37
CA GLN A 82 -15.38 15.50 1.13
C GLN A 82 -16.86 15.49 1.25
N SER A 83 -17.33 15.30 2.45
CA SER A 83 -18.75 15.37 2.71
C SER A 83 -18.89 16.27 3.93
N ARG A 84 -20.10 16.72 4.19
CA ARG A 84 -20.36 17.38 5.46
C ARG A 84 -20.40 16.25 6.54
N TYR A 85 -19.67 16.54 7.65
CA TYR A 85 -19.71 15.64 8.76
C TYR A 85 -20.35 16.38 9.94
N SER A 86 -21.48 15.87 10.40
CA SER A 86 -22.27 16.53 11.44
C SER A 86 -21.98 15.90 12.77
N ALA A 87 -21.96 16.75 13.83
CA ALA A 87 -21.60 16.23 15.12
C ALA A 87 -22.64 15.31 15.65
N THR A 88 -22.23 14.36 16.46
CA THR A 88 -23.17 13.52 17.17
C THR A 88 -22.89 13.48 18.66
N GLN A 89 -21.61 13.48 19.07
CA GLN A 89 -21.28 13.46 20.53
C GLN A 89 -19.84 13.76 20.75
N LEU A 90 -19.50 14.15 21.96
CA LEU A 90 -18.12 14.13 22.38
C LEU A 90 -17.93 13.33 23.62
N HIS A 91 -16.69 12.87 23.84
CA HIS A 91 -16.39 12.12 25.05
C HIS A 91 -14.92 12.10 25.27
N LEU A 92 -14.46 11.52 26.36
CA LEU A 92 -13.07 11.56 26.74
C LEU A 92 -12.46 10.22 27.06
N HIS A 93 -11.16 10.14 27.08
CA HIS A 93 -10.40 8.90 27.52
C HIS A 93 -9.34 9.40 28.44
N TRP A 94 -9.06 8.65 29.54
CA TRP A 94 -8.06 9.09 30.50
C TRP A 94 -7.42 7.88 31.15
N GLY A 95 -6.44 8.14 31.99
CA GLY A 95 -5.70 7.08 32.72
C GLY A 95 -6.20 6.99 34.14
N ASN A 96 -5.28 7.19 35.09
CA ASN A 96 -5.63 7.10 36.53
C ASN A 96 -4.63 7.90 37.31
N PRO A 97 -4.94 8.22 38.57
CA PRO A 97 -4.03 9.13 39.27
C PRO A 97 -2.64 8.54 39.47
N ASN A 98 -2.51 7.24 39.57
CA ASN A 98 -1.14 6.66 39.68
C ASN A 98 -0.36 6.60 38.37
N ASP A 99 -1.02 6.78 37.24
CA ASP A 99 -0.36 6.72 35.96
C ASP A 99 -1.25 7.63 35.05
N PRO A 100 -1.08 8.92 35.16
CA PRO A 100 -2.05 9.86 34.55
C PRO A 100 -1.68 10.16 33.10
N HIS A 101 -1.72 9.10 32.29
CA HIS A 101 -1.23 9.12 30.90
C HIS A 101 -2.11 8.31 30.01
N GLY A 102 -3.35 8.75 29.83
CA GLY A 102 -4.42 7.90 29.29
C GLY A 102 -4.94 8.42 27.98
N SER A 103 -4.20 9.21 27.20
CA SER A 103 -4.62 9.47 25.82
C SER A 103 -4.64 8.16 25.05
N GLU A 104 -5.34 8.15 23.96
CA GLU A 104 -5.34 6.99 23.04
C GLU A 104 -4.21 7.08 22.04
N HIS A 105 -4.16 8.17 21.28
CA HIS A 105 -3.00 8.40 20.39
C HIS A 105 -1.79 8.73 21.25
N THR A 106 -0.63 8.35 20.77
CA THR A 106 0.64 8.76 21.38
C THR A 106 1.44 9.52 20.34
N VAL A 107 2.38 10.35 20.81
CA VAL A 107 3.23 11.15 19.90
C VAL A 107 4.66 10.74 20.26
N SER A 108 5.36 10.16 19.31
CA SER A 108 6.76 9.71 19.53
C SER A 108 6.81 8.81 20.77
N GLY A 109 5.82 7.91 20.87
CA GLY A 109 5.73 6.94 21.92
C GLY A 109 5.19 7.45 23.21
N GLN A 110 4.87 8.73 23.32
CA GLN A 110 4.41 9.30 24.58
C GLN A 110 2.92 9.58 24.66
N HIS A 111 2.29 9.04 25.70
CA HIS A 111 0.90 9.48 25.99
C HIS A 111 0.79 10.86 26.47
N PHE A 112 -0.34 11.47 26.27
CA PHE A 112 -0.82 12.64 26.97
C PHE A 112 -1.68 12.23 28.10
N ALA A 113 -2.07 13.15 28.95
CA ALA A 113 -2.84 12.82 30.12
C ALA A 113 -4.19 12.25 29.73
N ALA A 114 -4.84 12.85 28.72
CA ALA A 114 -6.19 12.40 28.34
C ALA A 114 -6.39 12.81 26.92
N GLU A 115 -7.55 12.46 26.38
CA GLU A 115 -7.88 12.80 24.99
C GLU A 115 -9.37 13.02 24.87
N LEU A 116 -9.75 14.06 24.15
CA LEU A 116 -11.14 14.41 23.88
C LEU A 116 -11.42 14.03 22.42
N HIS A 117 -12.56 13.33 22.18
CA HIS A 117 -12.99 12.99 20.83
C HIS A 117 -14.32 13.69 20.56
N ILE A 118 -14.42 14.37 19.42
CA ILE A 118 -15.68 14.98 18.99
C ILE A 118 -16.02 14.17 17.74
N VAL A 119 -17.07 13.34 17.89
CA VAL A 119 -17.46 12.38 16.85
C VAL A 119 -18.46 13.06 15.91
N HIS A 120 -18.22 12.94 14.61
CA HIS A 120 -19.16 13.45 13.57
C HIS A 120 -19.44 12.30 12.60
N TYR A 121 -20.55 12.39 11.89
CA TYR A 121 -20.93 11.37 10.91
C TYR A 121 -21.22 12.03 9.59
N ASN A 122 -21.18 11.25 8.54
CA ASN A 122 -21.40 11.72 7.21
C ASN A 122 -22.93 11.92 6.98
N SER A 123 -23.40 13.13 7.19
CA SER A 123 -24.78 13.39 7.13
C SER A 123 -25.27 13.62 5.70
N ASP A 124 -24.35 13.78 4.77
CA ASP A 124 -24.77 13.78 3.37
C ASP A 124 -25.22 12.37 2.90
N LEU A 125 -24.59 11.33 3.44
CA LEU A 125 -24.89 9.95 3.10
C LEU A 125 -25.90 9.19 4.00
N TYR A 126 -25.89 9.50 5.32
CA TYR A 126 -26.59 8.75 6.34
C TYR A 126 -27.47 9.62 7.21
N PRO A 127 -28.49 9.03 7.83
CA PRO A 127 -29.42 9.87 8.60
C PRO A 127 -28.94 10.16 10.01
N ASP A 128 -27.99 9.36 10.47
CA ASP A 128 -27.57 9.47 11.87
C ASP A 128 -26.26 8.72 12.03
N ALA A 129 -25.63 8.91 13.15
CA ALA A 129 -24.38 8.32 13.41
C ALA A 129 -24.43 6.81 13.57
N SER A 130 -25.51 6.23 14.15
CA SER A 130 -25.50 4.80 14.30
C SER A 130 -25.56 4.14 12.93
N THR A 131 -26.28 4.74 11.97
CA THR A 131 -26.37 4.14 10.63
C THR A 131 -25.01 4.31 9.94
N ALA A 132 -24.40 5.47 10.12
CA ALA A 132 -23.13 5.74 9.45
C ALA A 132 -21.95 4.90 9.95
N SER A 133 -22.03 4.43 11.18
CA SER A 133 -20.80 4.04 11.87
C SER A 133 -20.18 2.81 11.23
N ASN A 134 -20.98 2.00 10.57
CA ASN A 134 -20.40 0.80 9.98
C ASN A 134 -20.31 0.93 8.43
N LYS A 135 -20.40 2.17 7.92
CA LYS A 135 -20.49 2.36 6.53
C LYS A 135 -19.32 3.12 6.01
N SER A 136 -19.04 2.92 4.72
CA SER A 136 -17.97 3.62 4.04
C SER A 136 -17.95 5.14 4.29
N GLU A 137 -16.80 5.68 4.69
CA GLU A 137 -16.67 7.11 4.95
C GLU A 137 -17.72 7.65 5.92
N GLY A 138 -18.08 6.81 6.90
CA GLY A 138 -19.16 7.11 7.79
C GLY A 138 -18.86 8.15 8.80
N LEU A 139 -17.62 8.19 9.31
CA LEU A 139 -17.37 9.01 10.50
C LEU A 139 -16.11 9.88 10.35
N ALA A 140 -16.08 10.98 11.09
CA ALA A 140 -14.91 11.81 11.23
C ALA A 140 -14.83 12.15 12.67
N VAL A 141 -13.63 11.93 13.26
CA VAL A 141 -13.47 12.28 14.69
C VAL A 141 -12.36 13.31 14.80
N LEU A 142 -12.59 14.32 15.63
CA LEU A 142 -11.53 15.29 15.99
C LEU A 142 -10.98 14.83 17.34
N ALA A 143 -9.66 14.80 17.44
CA ALA A 143 -9.04 14.41 18.69
C ALA A 143 -8.22 15.55 19.21
N VAL A 144 -8.42 15.88 20.51
CA VAL A 144 -7.61 16.88 21.18
C VAL A 144 -6.84 16.15 22.28
N LEU A 145 -5.51 16.33 22.24
CA LEU A 145 -4.69 15.81 23.29
C LEU A 145 -4.72 16.77 24.50
N ILE A 146 -4.72 16.22 25.70
CA ILE A 146 -4.89 16.98 26.93
C ILE A 146 -3.72 16.69 27.83
N GLU A 147 -3.08 17.77 28.32
CA GLU A 147 -2.00 17.64 29.30
C GLU A 147 -2.31 18.52 30.52
N MET A 148 -1.65 18.20 31.62
N MET A 148 -1.65 18.21 31.63
CA MET A 148 -1.78 19.00 32.82
CA MET A 148 -1.78 19.01 32.84
C MET A 148 -1.10 20.37 32.70
C MET A 148 -1.10 20.37 32.68
N GLY A 149 -1.78 21.43 33.14
CA GLY A 149 -1.16 22.77 33.13
C GLY A 149 -2.15 23.68 33.78
N SER A 150 -2.44 24.78 33.13
CA SER A 150 -3.28 25.79 33.73
C SER A 150 -4.75 25.36 33.72
N PHE A 151 -5.50 25.81 34.71
CA PHE A 151 -6.93 25.65 34.76
C PHE A 151 -7.60 26.06 33.45
N ASN A 152 -8.56 25.25 33.01
CA ASN A 152 -9.26 25.51 31.76
C ASN A 152 -10.74 25.74 32.01
N PRO A 153 -11.19 27.02 32.05
CA PRO A 153 -12.57 27.31 32.25
C PRO A 153 -13.54 26.59 31.27
N SER A 154 -13.10 26.41 30.02
CA SER A 154 -14.01 25.81 29.04
C SER A 154 -14.26 24.31 29.33
N TYR A 155 -13.17 23.59 29.64
CA TYR A 155 -13.39 22.21 30.00
C TYR A 155 -14.20 22.10 31.27
N ASP A 156 -14.10 23.11 32.14
CA ASP A 156 -14.94 23.03 33.34
C ASP A 156 -16.45 23.15 33.02
N LYS A 157 -16.79 23.62 31.82
CA LYS A 157 -18.22 23.70 31.48
C LYS A 157 -18.77 22.25 31.35
N ILE A 158 -17.90 21.28 31.09
CA ILE A 158 -18.35 19.91 31.13
C ILE A 158 -18.05 19.29 32.49
N PHE A 159 -16.82 19.52 32.99
CA PHE A 159 -16.40 18.80 34.24
C PHE A 159 -17.24 19.18 35.47
N SER A 160 -17.80 20.40 35.52
CA SER A 160 -18.63 20.81 36.66
C SER A 160 -19.94 19.97 36.75
N HIS A 161 -20.30 19.19 35.71
CA HIS A 161 -21.45 18.38 35.76
C HIS A 161 -21.15 16.96 36.03
N LEU A 162 -19.86 16.59 36.16
CA LEU A 162 -19.55 15.13 36.35
C LEU A 162 -20.17 14.54 37.61
N GLN A 163 -20.37 15.39 38.60
CA GLN A 163 -21.00 14.95 39.81
C GLN A 163 -22.41 14.42 39.66
N HIS A 164 -23.08 14.75 38.53
CA HIS A 164 -24.42 14.31 38.28
C HIS A 164 -24.45 13.14 37.39
N VAL A 165 -23.28 12.69 36.89
CA VAL A 165 -23.27 11.49 36.03
C VAL A 165 -22.30 10.42 36.58
N LYS A 166 -22.21 10.36 37.88
CA LYS A 166 -21.25 9.52 38.60
C LYS A 166 -21.31 8.02 38.20
N TYR A 167 -22.50 7.48 38.03
CA TYR A 167 -22.71 6.05 37.77
C TYR A 167 -23.31 5.78 36.43
N LYS A 168 -23.04 4.55 35.99
CA LYS A 168 -23.49 4.14 34.69
C LYS A 168 -24.99 4.36 34.51
N GLY A 169 -25.40 4.92 33.36
CA GLY A 169 -26.80 5.15 33.09
C GLY A 169 -27.28 6.54 33.48
N GLN A 170 -26.57 7.20 34.38
CA GLN A 170 -26.99 8.51 34.85
C GLN A 170 -26.79 9.55 33.75
N GLU A 171 -27.65 10.60 33.78
N GLU A 171 -27.60 10.62 33.84
CA GLU A 171 -27.76 11.60 32.71
CA GLU A 171 -27.58 11.67 32.87
C GLU A 171 -28.02 12.98 33.33
C GLU A 171 -27.70 13.00 33.57
N ALA A 172 -27.36 14.02 32.81
CA ALA A 172 -27.57 15.39 33.24
C ALA A 172 -27.66 16.29 32.01
N PHE A 173 -28.02 17.55 32.19
CA PHE A 173 -28.08 18.45 31.09
C PHE A 173 -27.06 19.55 31.25
N VAL A 174 -26.36 19.83 30.15
CA VAL A 174 -25.35 20.90 30.08
C VAL A 174 -25.83 22.00 29.18
N PRO A 175 -25.91 23.23 29.69
CA PRO A 175 -26.32 24.34 28.80
C PRO A 175 -25.31 24.55 27.68
N GLY A 176 -25.80 24.92 26.51
CA GLY A 176 -24.91 25.13 25.44
C GLY A 176 -23.79 26.07 25.71
N PHE A 177 -22.63 25.77 25.13
CA PHE A 177 -21.51 26.65 25.17
C PHE A 177 -20.71 26.40 23.90
N ASN A 178 -19.69 27.24 23.65
CA ASN A 178 -18.96 27.16 22.38
C ASN A 178 -17.94 26.02 22.43
N ILE A 179 -18.29 24.92 21.76
CA ILE A 179 -17.46 23.72 21.77
C ILE A 179 -16.09 24.04 21.19
N GLU A 180 -15.99 25.04 20.33
CA GLU A 180 -14.71 25.39 19.79
C GLU A 180 -13.71 25.79 20.91
N GLU A 181 -14.19 26.18 22.07
CA GLU A 181 -13.30 26.52 23.19
C GLU A 181 -12.54 25.29 23.65
N LEU A 182 -13.02 24.06 23.34
CA LEU A 182 -12.28 22.90 23.75
C LEU A 182 -11.12 22.53 22.85
N LEU A 183 -10.99 23.22 21.72
CA LEU A 183 -9.98 22.97 20.75
C LEU A 183 -8.72 23.72 21.10
N PRO A 184 -7.56 23.20 20.70
CA PRO A 184 -6.30 23.86 21.00
C PRO A 184 -6.01 25.01 20.14
N GLU A 185 -4.90 25.68 20.47
CA GLU A 185 -4.26 26.62 19.53
C GLU A 185 -3.89 26.00 18.17
N ARG A 186 -4.04 26.85 17.17
CA ARG A 186 -3.60 26.60 15.81
C ARG A 186 -4.18 25.26 15.40
N THR A 187 -5.48 25.23 15.38
CA THR A 187 -6.15 24.05 14.86
C THR A 187 -5.84 23.78 13.39
N ALA A 188 -5.21 24.76 12.71
CA ALA A 188 -4.67 24.49 11.36
C ALA A 188 -3.64 23.36 11.30
N GLU A 189 -2.98 23.13 12.43
CA GLU A 189 -1.91 22.10 12.50
C GLU A 189 -2.52 20.78 13.03
N TYR A 190 -2.50 19.73 12.20
CA TYR A 190 -3.11 18.49 12.64
C TYR A 190 -2.48 17.32 11.87
N TYR A 191 -2.65 16.14 12.46
CA TYR A 191 -2.36 14.86 11.84
C TYR A 191 -3.65 14.27 11.26
N ARG A 192 -3.56 13.58 10.12
CA ARG A 192 -4.76 13.03 9.51
C ARG A 192 -4.48 11.67 9.00
N TYR A 193 -5.35 10.71 9.31
CA TYR A 193 -5.18 9.37 8.73
C TYR A 193 -6.55 8.66 8.79
N ARG A 194 -6.64 7.65 7.98
CA ARG A 194 -7.85 6.79 7.99
C ARG A 194 -7.72 5.68 9.00
N GLY A 195 -8.66 5.56 9.89
CA GLY A 195 -8.59 4.53 10.89
C GLY A 195 -9.93 4.07 11.34
N SER A 196 -10.09 3.79 12.60
CA SER A 196 -11.24 3.02 13.08
C SER A 196 -11.84 3.68 14.33
N LEU A 197 -13.04 3.27 14.72
CA LEU A 197 -13.44 3.56 16.08
C LEU A 197 -12.40 2.91 17.00
N THR A 198 -12.07 3.56 18.12
CA THR A 198 -11.15 2.93 19.08
C THR A 198 -11.92 2.10 20.13
N THR A 199 -13.26 2.01 20.01
CA THR A 199 -14.08 1.26 20.83
C THR A 199 -14.87 0.27 19.96
N PRO A 200 -15.35 -0.87 20.55
CA PRO A 200 -16.26 -1.77 19.81
C PRO A 200 -17.41 -0.95 19.21
N PRO A 201 -17.79 -1.23 17.96
CA PRO A 201 -17.36 -2.39 17.17
C PRO A 201 -16.10 -2.17 16.32
N CYS A 202 -15.32 -1.09 16.58
CA CYS A 202 -14.02 -0.86 15.93
C CYS A 202 -14.08 -0.74 14.43
N ASN A 203 -15.24 -0.28 13.91
CA ASN A 203 -15.35 -0.21 12.43
C ASN A 203 -14.30 0.66 11.80
N PRO A 204 -13.71 0.25 10.67
CA PRO A 204 -12.61 1.01 10.06
C PRO A 204 -13.18 2.14 9.16
N THR A 205 -14.00 2.97 9.81
CA THR A 205 -14.83 3.91 9.08
C THR A 205 -14.55 5.37 9.50
N VAL A 206 -13.47 5.62 10.25
CA VAL A 206 -13.15 6.92 10.79
C VAL A 206 -12.06 7.67 10.10
N LEU A 207 -12.35 8.88 9.63
CA LEU A 207 -11.32 9.84 9.21
C LEU A 207 -10.84 10.58 10.46
N TRP A 208 -9.61 10.30 10.87
CA TRP A 208 -9.07 10.97 12.10
C TRP A 208 -8.38 12.27 11.83
N THR A 209 -8.68 13.24 12.67
CA THR A 209 -7.90 14.45 12.66
C THR A 209 -7.47 14.63 14.13
N VAL A 210 -6.15 14.56 14.36
CA VAL A 210 -5.62 14.72 15.70
C VAL A 210 -4.84 16.08 15.74
N PHE A 211 -5.36 17.03 16.48
CA PHE A 211 -4.68 18.33 16.49
C PHE A 211 -3.25 18.18 16.99
N ARG A 212 -2.35 18.96 16.39
CA ARG A 212 -0.93 18.87 16.77
C ARG A 212 -0.70 19.35 18.21
N ASN A 213 -1.38 20.42 18.59
CA ASN A 213 -1.07 21.06 19.89
C ASN A 213 -2.09 20.57 20.90
N PRO A 214 -1.60 20.28 22.13
CA PRO A 214 -2.47 19.88 23.20
C PRO A 214 -3.18 21.10 23.86
N VAL A 215 -4.23 20.84 24.62
CA VAL A 215 -4.79 21.78 25.54
C VAL A 215 -4.29 21.43 26.94
N GLN A 216 -4.54 22.37 27.85
N GLN A 216 -4.35 22.39 27.86
CA GLN A 216 -4.24 22.19 29.27
CA GLN A 216 -3.94 22.15 29.26
C GLN A 216 -5.44 22.20 30.12
C GLN A 216 -5.20 22.27 30.15
N ILE A 217 -5.37 21.35 31.13
CA ILE A 217 -6.33 21.47 32.21
C ILE A 217 -5.52 21.40 33.52
N SER A 218 -6.11 21.84 34.63
CA SER A 218 -5.35 21.79 35.84
C SER A 218 -5.17 20.44 36.45
N GLN A 219 -4.24 20.36 37.39
CA GLN A 219 -4.05 19.14 38.15
C GLN A 219 -5.37 18.70 38.79
N GLU A 220 -6.12 19.64 39.35
CA GLU A 220 -7.36 19.34 39.99
C GLU A 220 -8.37 18.90 38.98
N GLN A 221 -8.41 19.52 37.78
CA GLN A 221 -9.39 19.07 36.80
C GLN A 221 -9.09 17.69 36.33
N LEU A 222 -7.80 17.37 36.08
CA LEU A 222 -7.48 16.04 35.67
C LEU A 222 -7.78 15.01 36.70
N LEU A 223 -7.51 15.32 37.95
CA LEU A 223 -7.82 14.39 39.03
C LEU A 223 -9.32 14.22 39.13
N ALA A 224 -10.12 15.29 38.96
CA ALA A 224 -11.55 15.22 39.00
C ALA A 224 -12.01 14.21 37.92
N LEU A 225 -11.55 14.37 36.68
CA LEU A 225 -12.00 13.51 35.58
C LEU A 225 -11.63 12.08 35.91
N GLU A 226 -10.41 11.83 36.44
CA GLU A 226 -9.98 10.49 36.76
C GLU A 226 -10.69 9.81 37.91
N THR A 227 -11.33 10.60 38.81
CA THR A 227 -11.85 10.04 40.02
C THR A 227 -13.36 10.25 40.13
N ALA A 228 -13.98 11.02 39.23
CA ALA A 228 -15.44 11.29 39.36
C ALA A 228 -16.39 10.18 39.06
N LEU A 229 -15.99 9.27 38.14
CA LEU A 229 -16.96 8.40 37.54
C LEU A 229 -16.70 6.97 37.85
N TYR A 230 -17.81 6.22 37.83
CA TYR A 230 -17.77 4.79 37.92
C TYR A 230 -18.32 4.16 36.68
N CYS A 231 -17.79 2.99 36.36
CA CYS A 231 -18.35 2.30 35.22
C CYS A 231 -19.48 1.37 35.55
N THR A 232 -19.78 1.24 36.84
CA THR A 232 -20.88 0.36 37.31
C THR A 232 -22.11 1.22 37.65
N HIS A 233 -23.28 0.55 37.70
CA HIS A 233 -24.56 1.15 38.10
C HIS A 233 -24.47 1.45 39.59
N MET A 234 -25.23 2.43 40.01
CA MET A 234 -25.20 2.89 41.42
C MET A 234 -25.38 1.80 42.46
N ASP A 235 -26.24 0.83 42.16
N ASP A 235 -26.22 0.84 42.14
CA ASP A 235 -26.60 -0.20 43.14
CA ASP A 235 -26.59 -0.13 43.12
C ASP A 235 -25.74 -1.42 43.09
C ASP A 235 -25.92 -1.47 42.88
N ASP A 236 -24.78 -1.43 42.18
CA ASP A 236 -23.90 -2.59 41.96
C ASP A 236 -23.15 -2.83 43.25
N PRO A 237 -23.28 -4.03 43.83
CA PRO A 237 -22.51 -4.30 45.03
C PRO A 237 -20.98 -4.39 44.85
N SER A 238 -20.46 -4.43 43.61
CA SER A 238 -19.01 -4.40 43.35
C SER A 238 -18.70 -3.19 42.44
N PRO A 239 -18.59 -1.97 43.02
CA PRO A 239 -18.34 -0.79 42.20
C PRO A 239 -16.96 -0.82 41.56
N ARG A 240 -16.89 -0.26 40.35
CA ARG A 240 -15.60 -0.08 39.70
C ARG A 240 -15.41 1.30 39.18
N GLU A 241 -14.28 1.90 39.53
CA GLU A 241 -13.96 3.22 39.04
C GLU A 241 -13.74 3.23 37.52
N MET A 242 -14.20 4.29 36.85
CA MET A 242 -13.93 4.42 35.41
C MET A 242 -12.60 5.12 35.25
N ILE A 243 -11.59 4.27 35.00
CA ILE A 243 -10.20 4.72 34.83
C ILE A 243 -9.63 3.95 33.64
N ASN A 244 -8.54 4.43 33.07
CA ASN A 244 -7.75 3.70 32.07
C ASN A 244 -8.69 3.23 30.95
N ASN A 245 -9.59 4.15 30.52
CA ASN A 245 -10.54 3.85 29.48
C ASN A 245 -10.00 4.30 28.10
N PHE A 246 -8.85 3.74 27.77
CA PHE A 246 -8.18 4.02 26.45
C PHE A 246 -7.78 2.67 25.88
N ARG A 247 -7.71 2.59 24.55
CA ARG A 247 -7.21 1.38 23.88
C ARG A 247 -5.74 1.53 23.69
N GLN A 248 -4.98 0.47 23.80
CA GLN A 248 -3.56 0.43 23.46
C GLN A 248 -3.37 0.78 22.00
N VAL A 249 -2.24 1.34 21.61
CA VAL A 249 -1.92 1.62 20.25
C VAL A 249 -1.84 0.32 19.44
N GLN A 250 -2.21 0.47 18.19
CA GLN A 250 -2.30 -0.65 17.24
C GLN A 250 -1.14 -0.62 16.30
N LYS A 251 -0.67 -1.76 15.79
CA LYS A 251 0.34 -1.76 14.70
C LYS A 251 -0.16 -0.94 13.52
N PHE A 252 0.80 -0.25 12.89
CA PHE A 252 0.50 0.66 11.74
C PHE A 252 1.73 0.57 10.86
N ASP A 253 1.68 -0.23 9.83
CA ASP A 253 2.91 -0.58 9.06
C ASP A 253 2.64 -0.23 7.62
N GLU A 254 3.65 0.30 6.95
CA GLU A 254 3.58 0.63 5.52
C GLU A 254 2.42 1.57 5.23
N ARG A 255 2.20 2.50 6.15
CA ARG A 255 1.17 3.52 6.06
C ARG A 255 1.73 4.84 6.57
N LEU A 256 1.10 5.92 6.15
CA LEU A 256 1.56 7.24 6.55
C LEU A 256 0.49 7.92 7.36
N VAL A 257 0.95 8.89 8.14
CA VAL A 257 0.01 9.82 8.69
C VAL A 257 0.37 11.16 8.06
N TYR A 258 -0.64 11.84 7.53
CA TYR A 258 -0.37 13.06 6.80
C TYR A 258 -0.43 14.20 7.79
N THR A 259 0.40 15.21 7.60
CA THR A 259 0.37 16.38 8.46
C THR A 259 0.05 17.64 7.69
N SER A 260 -0.67 18.55 8.33
CA SER A 260 -0.95 19.85 7.67
C SER A 260 0.18 20.85 7.96
N PHE A 261 1.20 20.43 8.65
CA PHE A 261 2.27 21.30 9.02
C PHE A 261 3.50 20.58 8.55
N SER A 262 4.51 21.36 8.23
CA SER A 262 5.82 20.72 8.06
C SER A 262 6.66 21.21 9.25
N GLN A 263 6.52 22.51 9.51
CA GLN A 263 7.16 23.17 10.67
C GLN A 263 6.64 22.69 12.03
N LYS B 3 -2.11 -21.43 13.70
CA LYS B 3 -2.16 -20.54 12.49
C LYS B 3 -2.18 -19.05 12.92
N TRP B 4 -1.96 -18.79 14.22
CA TRP B 4 -1.76 -17.45 14.69
C TRP B 4 -0.61 -16.78 13.99
N THR B 5 -0.67 -15.46 13.86
CA THR B 5 0.38 -14.74 13.20
C THR B 5 0.57 -13.44 13.98
N TYR B 6 1.37 -12.57 13.43
CA TYR B 6 1.53 -11.21 13.90
C TYR B 6 0.90 -10.13 13.02
N PHE B 7 0.26 -10.54 11.93
CA PHE B 7 -0.25 -9.59 10.92
C PHE B 7 -1.46 -10.14 10.23
N GLY B 8 -2.51 -9.32 10.20
CA GLY B 8 -3.70 -9.64 9.42
C GLY B 8 -4.74 -10.32 10.28
N PRO B 9 -5.61 -11.14 9.67
CA PRO B 9 -6.76 -11.59 10.39
C PRO B 9 -6.49 -12.50 11.57
N ASP B 10 -5.37 -13.24 11.56
CA ASP B 10 -5.02 -14.07 12.71
C ASP B 10 -3.97 -13.44 13.67
N GLY B 11 -3.83 -12.12 13.53
CA GLY B 11 -2.91 -11.33 14.39
C GLY B 11 -3.33 -11.16 15.79
N GLU B 12 -2.58 -10.37 16.54
CA GLU B 12 -2.57 -10.46 18.00
C GLU B 12 -3.92 -10.06 18.60
N ASN B 13 -4.75 -9.21 17.99
CA ASN B 13 -6.07 -8.86 18.58
C ASN B 13 -7.02 -10.09 18.51
N SER B 14 -6.64 -11.09 17.72
CA SER B 14 -7.51 -12.26 17.55
C SER B 14 -6.94 -13.45 18.30
N TRP B 15 -5.79 -13.38 18.94
CA TRP B 15 -5.18 -14.55 19.57
C TRP B 15 -6.10 -15.07 20.62
N SER B 16 -6.83 -14.23 21.34
CA SER B 16 -7.67 -14.68 22.44
C SER B 16 -8.90 -15.50 21.99
N LYS B 17 -9.23 -15.47 20.70
CA LYS B 17 -10.29 -16.30 20.20
C LYS B 17 -9.96 -17.77 20.36
N LYS B 18 -8.70 -18.19 20.19
CA LYS B 18 -8.28 -19.58 20.36
C LYS B 18 -7.52 -19.83 21.65
N TYR B 19 -6.91 -18.75 22.19
CA TYR B 19 -5.97 -18.91 23.31
C TYR B 19 -6.49 -17.99 24.39
N PRO B 20 -7.35 -18.45 25.30
CA PRO B 20 -8.02 -17.55 26.22
C PRO B 20 -7.07 -16.74 27.10
N SER B 21 -5.94 -17.31 27.47
CA SER B 21 -5.06 -16.56 28.35
C SER B 21 -4.54 -15.32 27.67
N CYS B 22 -4.50 -15.24 26.35
CA CYS B 22 -4.06 -14.03 25.67
C CYS B 22 -4.97 -12.86 25.98
N GLY B 23 -6.21 -13.10 26.51
CA GLY B 23 -7.08 -12.07 26.96
C GLY B 23 -7.20 -12.02 28.45
N GLY B 24 -6.33 -12.73 29.17
CA GLY B 24 -6.43 -12.79 30.57
C GLY B 24 -5.51 -11.83 31.27
N LEU B 25 -5.20 -12.15 32.53
CA LEU B 25 -4.34 -11.22 33.29
C LEU B 25 -2.85 -11.47 33.09
N LEU B 26 -2.07 -10.52 33.60
CA LEU B 26 -0.62 -10.62 33.76
C LEU B 26 0.06 -10.68 32.37
N GLN B 27 -0.51 -10.06 31.34
CA GLN B 27 0.08 -10.19 30.02
C GLN B 27 1.31 -9.31 29.80
N SER B 28 2.22 -9.92 29.00
CA SER B 28 3.43 -9.28 28.56
C SER B 28 3.40 -9.06 27.05
N PRO B 29 4.22 -8.18 26.47
CA PRO B 29 5.21 -7.28 27.10
C PRO B 29 4.51 -6.05 27.60
N ILE B 30 5.32 -5.17 28.24
CA ILE B 30 4.82 -3.92 28.79
C ILE B 30 5.81 -2.80 28.49
N ASP B 31 5.25 -1.59 28.65
CA ASP B 31 6.11 -0.41 28.60
C ASP B 31 6.67 -0.10 29.96
N LEU B 32 8.02 -0.09 30.05
CA LEU B 32 8.67 0.13 31.34
C LEU B 32 8.84 1.65 31.46
N HIS B 33 8.10 2.29 32.38
CA HIS B 33 8.13 3.75 32.50
C HIS B 33 7.99 4.05 33.98
N SER B 34 8.40 5.28 34.31
CA SER B 34 8.64 5.67 35.67
C SER B 34 7.43 5.45 36.57
N ASP B 35 6.20 5.68 36.11
CA ASP B 35 5.05 5.63 37.03
C ASP B 35 4.84 4.24 37.59
N ILE B 36 5.41 3.18 36.96
CA ILE B 36 5.09 1.86 37.42
C ILE B 36 6.34 1.14 37.97
N LEU B 37 7.44 1.87 38.13
CA LEU B 37 8.73 1.28 38.60
C LEU B 37 8.85 1.54 40.10
N GLN B 38 9.45 0.55 40.78
CA GLN B 38 9.83 0.78 42.16
C GLN B 38 11.10 0.02 42.45
N TYR B 39 12.09 0.72 43.02
CA TYR B 39 13.31 0.08 43.43
C TYR B 39 13.02 -0.98 44.49
N ASP B 40 13.75 -2.09 44.36
CA ASP B 40 13.63 -3.16 45.36
C ASP B 40 15.03 -3.64 45.65
N ALA B 41 15.55 -3.30 46.83
CA ALA B 41 16.94 -3.67 47.18
C ALA B 41 17.17 -5.17 47.31
N SER B 42 16.07 -5.96 47.43
CA SER B 42 16.22 -7.42 47.51
C SER B 42 16.54 -8.06 46.15
N LEU B 43 16.46 -7.27 45.09
CA LEU B 43 16.82 -7.82 43.76
C LEU B 43 18.30 -7.86 43.53
N THR B 44 18.90 -8.93 44.00
CA THR B 44 20.35 -9.06 43.92
C THR B 44 20.80 -9.66 42.60
N PRO B 45 22.14 -9.63 42.31
CA PRO B 45 22.58 -10.07 40.98
C PRO B 45 22.29 -11.52 40.66
N LEU B 46 21.88 -11.78 39.44
CA LEU B 46 21.81 -13.16 38.92
C LEU B 46 23.21 -13.67 38.62
N GLU B 47 23.40 -14.98 38.76
CA GLU B 47 24.63 -15.60 38.26
C GLU B 47 24.25 -16.57 37.11
N PHE B 48 25.05 -16.53 36.07
CA PHE B 48 24.73 -17.30 34.85
C PHE B 48 25.72 -18.45 34.82
N GLN B 49 25.20 -19.68 35.01
CA GLN B 49 26.04 -20.84 35.21
C GLN B 49 25.93 -21.80 33.99
N GLY B 50 27.02 -22.31 33.48
CA GLY B 50 26.96 -23.21 32.32
C GLY B 50 26.54 -22.54 31.04
N TYR B 51 26.67 -21.20 31.00
CA TYR B 51 26.39 -20.47 29.76
C TYR B 51 27.50 -20.55 28.73
N ASN B 52 28.72 -20.97 29.16
CA ASN B 52 29.84 -21.06 28.22
C ASN B 52 29.72 -22.47 27.64
N LEU B 53 28.94 -22.59 26.59
CA LEU B 53 28.67 -23.90 25.96
C LEU B 53 29.91 -24.32 25.15
N SER B 54 30.24 -25.60 25.25
CA SER B 54 31.40 -26.11 24.54
C SER B 54 31.33 -25.88 23.01
N ALA B 55 32.43 -25.32 22.47
CA ALA B 55 32.57 -25.06 21.05
C ALA B 55 32.65 -26.37 20.27
N ASN B 56 32.96 -27.48 20.97
CA ASN B 56 33.00 -28.78 20.34
C ASN B 56 31.70 -29.46 20.28
N LYS B 57 30.71 -28.88 20.95
CA LYS B 57 29.33 -29.43 20.95
C LYS B 57 28.45 -28.59 20.01
N GLN B 58 27.31 -29.13 19.63
CA GLN B 58 26.43 -28.32 18.76
C GLN B 58 25.02 -28.34 19.31
N PHE B 59 24.29 -27.30 18.96
CA PHE B 59 23.01 -26.99 19.54
C PHE B 59 22.01 -26.69 18.42
N LEU B 60 20.82 -27.29 18.58
CA LEU B 60 19.84 -27.22 17.49
C LEU B 60 19.15 -25.92 17.35
N LEU B 61 19.24 -25.33 16.17
CA LEU B 61 18.56 -24.12 15.78
C LEU B 61 17.36 -24.55 14.92
N THR B 62 16.18 -23.99 15.19
CA THR B 62 14.99 -24.35 14.45
C THR B 62 14.00 -23.20 14.28
N ASN B 63 13.60 -23.15 13.07
N ASN B 63 13.73 -22.87 13.06
CA ASN B 63 12.31 -22.66 12.60
CA ASN B 63 12.73 -21.84 12.75
C ASN B 63 11.08 -23.54 13.03
C ASN B 63 11.34 -22.44 12.93
N ASN B 64 10.25 -22.81 13.74
N ASN B 64 10.57 -21.88 13.86
CA ASN B 64 8.95 -23.02 14.33
CA ASN B 64 9.23 -22.49 14.23
C ASN B 64 7.96 -22.00 13.79
C ASN B 64 7.96 -22.48 13.29
N GLY B 65 8.35 -21.12 12.86
N GLY B 65 8.02 -21.51 12.42
CA GLY B 65 7.38 -20.31 12.09
CA GLY B 65 6.81 -20.89 12.02
C GLY B 65 7.02 -19.00 12.82
C GLY B 65 6.56 -19.46 12.56
N HIS B 66 7.64 -18.81 13.99
N HIS B 66 7.14 -19.02 13.74
CA HIS B 66 7.47 -17.62 14.92
CA HIS B 66 6.97 -17.64 14.44
C HIS B 66 8.70 -16.76 15.31
C HIS B 66 8.20 -16.84 14.92
N SER B 67 9.80 -17.36 15.67
N SER B 67 9.41 -17.49 14.93
CA SER B 67 11.12 -16.75 15.79
CA SER B 67 10.69 -16.89 15.28
C SER B 67 12.13 -17.86 15.48
C SER B 67 11.67 -18.00 15.00
N VAL B 68 13.37 -17.53 15.26
N VAL B 68 12.89 -17.88 15.37
CA VAL B 68 14.32 -18.61 15.15
CA VAL B 68 13.67 -19.09 15.25
C VAL B 68 14.60 -19.08 16.63
C VAL B 68 14.18 -19.19 16.65
N LYS B 69 14.49 -20.41 17.06
CA LYS B 69 14.93 -20.73 18.44
C LYS B 69 16.16 -21.62 18.41
N LEU B 70 17.05 -21.37 19.36
CA LEU B 70 18.23 -22.18 19.63
C LEU B 70 17.95 -22.96 20.89
N ASN B 71 18.00 -24.29 20.81
CA ASN B 71 17.79 -25.13 22.02
C ASN B 71 19.04 -25.06 22.89
N LEU B 72 18.81 -25.02 24.18
CA LEU B 72 19.89 -24.86 25.15
C LEU B 72 19.87 -26.04 26.10
N PRO B 73 21.05 -26.39 26.69
CA PRO B 73 21.09 -27.60 27.52
C PRO B 73 20.60 -27.28 28.95
N SER B 74 20.06 -28.25 29.61
CA SER B 74 19.51 -28.01 30.96
C SER B 74 20.60 -27.81 32.03
N ASP B 75 21.87 -28.10 31.75
CA ASP B 75 22.93 -27.80 32.75
C ASP B 75 23.24 -26.30 32.75
N MET B 76 22.79 -25.53 31.73
CA MET B 76 22.89 -24.06 31.74
C MET B 76 21.76 -23.54 32.65
N HIS B 77 22.07 -22.68 33.60
CA HIS B 77 20.99 -22.28 34.53
C HIS B 77 21.28 -20.95 35.16
N ILE B 78 20.24 -20.37 35.75
CA ILE B 78 20.44 -19.14 36.51
C ILE B 78 20.47 -19.51 37.94
N GLN B 79 21.39 -18.86 38.66
CA GLN B 79 21.49 -18.92 40.10
C GLN B 79 21.06 -17.56 40.63
N GLY B 80 20.29 -17.56 41.71
CA GLY B 80 19.87 -16.30 42.36
C GLY B 80 18.37 -16.16 42.55
N LEU B 81 17.59 -16.94 41.79
CA LEU B 81 16.09 -16.92 41.95
C LEU B 81 15.67 -17.88 43.05
N GLN B 82 14.37 -18.04 43.29
CA GLN B 82 13.96 -18.82 44.44
C GLN B 82 13.97 -20.34 44.18
N SER B 83 14.15 -20.74 42.90
CA SER B 83 14.45 -22.13 42.56
C SER B 83 15.56 -22.01 41.52
N ARG B 84 16.22 -23.11 41.19
CA ARG B 84 17.03 -23.16 40.02
C ARG B 84 16.11 -23.09 38.77
N TYR B 85 16.52 -22.23 37.83
CA TYR B 85 15.86 -22.15 36.53
C TYR B 85 16.84 -22.57 35.52
N SER B 86 16.54 -23.67 34.80
CA SER B 86 17.49 -24.20 33.77
C SER B 86 17.05 -23.74 32.38
N ALA B 87 18.00 -23.49 31.54
CA ALA B 87 17.71 -22.99 30.20
C ALA B 87 17.01 -24.01 29.36
N THR B 88 16.20 -23.53 28.42
CA THR B 88 15.57 -24.42 27.45
C THR B 88 15.82 -23.93 26.02
N GLN B 89 15.73 -22.61 25.77
CA GLN B 89 15.86 -22.10 24.42
C GLN B 89 16.09 -20.60 24.49
N LEU B 90 16.64 -20.11 23.42
CA LEU B 90 16.62 -18.64 23.20
C LEU B 90 16.02 -18.35 21.84
N HIS B 91 15.48 -17.12 21.68
CA HIS B 91 14.92 -16.72 20.39
C HIS B 91 14.84 -15.19 20.38
N LEU B 92 14.43 -14.63 19.25
CA LEU B 92 14.43 -13.18 19.10
C LEU B 92 13.11 -12.69 18.59
N HIS B 93 12.91 -11.40 18.68
CA HIS B 93 11.78 -10.65 18.08
C HIS B 93 12.35 -9.46 17.40
N TRP B 94 11.78 -9.08 16.23
CA TRP B 94 12.39 -7.99 15.43
C TRP B 94 11.29 -7.39 14.58
N GLY B 95 11.70 -6.33 13.86
CA GLY B 95 10.82 -5.53 13.00
C GLY B 95 10.97 -5.92 11.57
N ASN B 96 11.33 -4.97 10.73
CA ASN B 96 11.47 -5.25 9.29
C ASN B 96 12.45 -4.26 8.67
N PRO B 97 12.93 -4.50 7.43
CA PRO B 97 14.05 -3.71 6.91
C PRO B 97 13.79 -2.23 6.85
N ASN B 98 12.52 -1.84 6.66
CA ASN B 98 12.12 -0.47 6.47
C ASN B 98 11.71 0.11 7.81
N ASP B 99 11.60 -0.72 8.87
CA ASP B 99 11.31 -0.23 10.19
C ASP B 99 11.95 -1.13 11.22
N PRO B 100 13.24 -0.93 11.53
CA PRO B 100 13.98 -1.82 12.43
C PRO B 100 13.69 -1.48 13.88
N HIS B 101 12.44 -1.63 14.33
CA HIS B 101 12.00 -1.23 15.70
C HIS B 101 11.06 -2.22 16.29
N GLY B 102 11.54 -3.44 16.53
CA GLY B 102 10.68 -4.60 16.82
C GLY B 102 10.94 -5.22 18.18
N SER B 103 11.48 -4.50 19.18
CA SER B 103 11.45 -5.08 20.48
C SER B 103 10.02 -5.27 20.98
N GLU B 104 9.90 -6.12 21.98
CA GLU B 104 8.58 -6.35 22.64
C GLU B 104 8.40 -5.38 23.77
N HIS B 105 9.28 -5.41 24.77
CA HIS B 105 9.27 -4.38 25.79
C HIS B 105 9.72 -3.05 25.21
N THR B 106 9.10 -1.99 25.77
CA THR B 106 9.52 -0.66 25.39
C THR B 106 10.00 -0.02 26.68
N VAL B 107 10.78 1.05 26.52
CA VAL B 107 11.23 1.78 27.77
C VAL B 107 10.85 3.26 27.52
N SER B 108 10.03 3.76 28.40
CA SER B 108 9.54 5.18 28.27
C SER B 108 9.03 5.43 26.84
N GLY B 109 8.22 4.46 26.38
CA GLY B 109 7.53 4.53 25.13
C GLY B 109 8.32 4.28 23.88
N GLN B 110 9.58 3.90 24.04
CA GLN B 110 10.41 3.65 22.86
C GLN B 110 10.71 2.22 22.65
N HIS B 111 10.56 1.79 21.40
CA HIS B 111 11.04 0.52 20.98
C HIS B 111 12.48 0.49 20.77
N PHE B 112 13.07 -0.63 21.00
CA PHE B 112 14.39 -0.97 20.55
C PHE B 112 14.33 -1.67 19.22
N ALA B 113 15.43 -1.94 18.58
CA ALA B 113 15.46 -2.60 17.28
C ALA B 113 14.95 -4.01 17.38
N ALA B 114 15.36 -4.72 18.41
CA ALA B 114 14.98 -6.15 18.51
C ALA B 114 15.08 -6.54 19.96
N GLU B 115 14.76 -7.80 20.26
CA GLU B 115 14.81 -8.28 21.65
C GLU B 115 15.21 -9.72 21.64
N LEU B 116 16.11 -10.12 22.52
CA LEU B 116 16.48 -11.50 22.73
C LEU B 116 15.83 -12.02 23.98
N HIS B 117 15.18 -13.24 23.93
CA HIS B 117 14.64 -13.88 25.11
C HIS B 117 15.37 -15.18 25.36
N ILE B 118 15.87 -15.33 26.58
CA ILE B 118 16.50 -16.62 26.97
C ILE B 118 15.57 -17.22 27.99
N VAL B 119 14.93 -18.32 27.55
CA VAL B 119 13.82 -18.93 28.28
C VAL B 119 14.40 -20.05 29.23
N HIS B 120 14.01 -20.00 30.49
CA HIS B 120 14.43 -20.96 31.47
C HIS B 120 13.17 -21.48 32.12
N TYR B 121 13.27 -22.67 32.71
CA TYR B 121 12.11 -23.24 33.40
C TYR B 121 12.55 -23.73 34.77
N ASN B 122 11.60 -23.79 35.70
CA ASN B 122 11.95 -24.27 37.03
C ASN B 122 12.17 -25.81 37.03
N SER B 123 13.45 -26.17 36.98
CA SER B 123 13.85 -27.59 36.87
C SER B 123 13.87 -28.29 38.24
N ASP B 124 13.84 -27.51 39.32
CA ASP B 124 13.62 -28.09 40.65
C ASP B 124 12.26 -28.74 40.76
N LEU B 125 11.24 -28.14 40.14
CA LEU B 125 9.86 -28.56 40.29
C LEU B 125 9.33 -29.37 39.11
N TYR B 126 9.82 -29.05 37.90
CA TYR B 126 9.26 -29.65 36.70
C TYR B 126 10.26 -30.34 35.82
N PRO B 127 9.79 -31.35 35.04
CA PRO B 127 10.74 -32.15 34.24
C PRO B 127 11.14 -31.50 32.93
N ASP B 128 10.44 -30.44 32.52
CA ASP B 128 10.70 -29.88 31.19
C ASP B 128 9.96 -28.56 31.13
N ALA B 129 10.37 -27.66 30.21
CA ALA B 129 9.74 -26.37 30.03
C ALA B 129 8.28 -26.41 29.62
N SER B 130 7.88 -27.45 28.83
CA SER B 130 6.47 -27.51 28.39
C SER B 130 5.52 -27.67 29.61
N THR B 131 5.89 -28.62 30.47
CA THR B 131 5.20 -28.82 31.77
C THR B 131 5.18 -27.59 32.62
N ALA B 132 6.35 -26.91 32.74
CA ALA B 132 6.51 -25.73 33.58
C ALA B 132 5.68 -24.59 33.09
N SER B 133 5.44 -24.57 31.77
CA SER B 133 4.92 -23.35 31.10
C SER B 133 3.50 -23.03 31.49
N ASN B 134 2.76 -24.05 31.95
CA ASN B 134 1.42 -23.69 32.39
C ASN B 134 1.30 -23.76 33.92
N LYS B 135 2.41 -23.62 34.65
CA LYS B 135 2.42 -23.59 36.12
C LYS B 135 2.88 -22.26 36.68
N SER B 136 2.40 -21.83 37.85
CA SER B 136 2.77 -20.48 38.33
C SER B 136 4.29 -20.37 38.53
N GLU B 137 4.88 -19.25 38.06
CA GLU B 137 6.35 -19.03 38.05
C GLU B 137 7.14 -20.26 37.56
N GLY B 138 6.51 -21.03 36.68
CA GLY B 138 7.17 -22.08 35.98
C GLY B 138 8.33 -21.65 35.13
N LEU B 139 8.28 -20.45 34.61
CA LEU B 139 9.29 -19.99 33.62
C LEU B 139 9.93 -18.70 34.12
N ALA B 140 11.17 -18.52 33.73
CA ALA B 140 11.91 -17.24 33.98
C ALA B 140 12.55 -16.95 32.64
N VAL B 141 12.25 -15.77 32.09
CA VAL B 141 12.81 -15.35 30.84
C VAL B 141 13.71 -14.16 31.09
N LEU B 142 14.87 -14.20 30.48
CA LEU B 142 15.75 -13.05 30.43
C LEU B 142 15.54 -12.36 29.14
N ALA B 143 15.37 -11.01 29.19
CA ALA B 143 15.20 -10.24 28.00
C ALA B 143 16.34 -9.25 27.87
N VAL B 144 16.94 -9.27 26.65
CA VAL B 144 17.97 -8.30 26.29
C VAL B 144 17.41 -7.41 25.22
N LEU B 145 17.41 -6.08 25.47
CA LEU B 145 17.03 -5.11 24.47
C LEU B 145 18.19 -4.91 23.48
N ILE B 146 17.88 -4.84 22.19
CA ILE B 146 18.92 -4.77 21.16
C ILE B 146 18.70 -3.50 20.37
N GLU B 147 19.76 -2.66 20.29
CA GLU B 147 19.68 -1.42 19.50
C GLU B 147 20.67 -1.57 18.32
N MET B 148 20.44 -0.78 17.27
CA MET B 148 21.35 -0.70 16.15
C MET B 148 22.59 0.03 16.52
N GLY B 149 23.72 -0.61 16.27
CA GLY B 149 24.98 -0.02 16.66
C GLY B 149 26.11 -0.75 16.01
N SER B 150 27.12 -1.11 16.82
CA SER B 150 28.25 -1.84 16.32
C SER B 150 27.90 -3.28 16.00
N PHE B 151 28.66 -3.78 15.03
CA PHE B 151 28.64 -5.24 14.72
C PHE B 151 28.93 -6.00 15.99
N ASN B 152 28.20 -7.11 16.16
CA ASN B 152 28.27 -7.96 17.31
C ASN B 152 28.71 -9.38 16.97
N PRO B 153 29.98 -9.73 17.13
CA PRO B 153 30.40 -11.08 16.72
C PRO B 153 29.68 -12.20 17.45
N SER B 154 29.27 -11.92 18.67
CA SER B 154 28.59 -12.98 19.46
C SER B 154 27.25 -13.27 18.86
N TYR B 155 26.43 -12.23 18.59
CA TYR B 155 25.16 -12.50 17.96
C TYR B 155 25.37 -13.12 16.61
N ASP B 156 26.41 -12.77 15.91
CA ASP B 156 26.66 -13.35 14.63
C ASP B 156 26.85 -14.88 14.69
N LYS B 157 27.21 -15.41 15.86
CA LYS B 157 27.31 -16.88 16.01
C LYS B 157 25.95 -17.49 15.83
N ILE B 158 24.85 -16.77 16.07
CA ILE B 158 23.50 -17.25 15.73
C ILE B 158 23.16 -16.84 14.31
N PHE B 159 23.35 -15.55 13.93
CA PHE B 159 22.82 -15.03 12.70
C PHE B 159 23.46 -15.71 11.50
N SER B 160 24.70 -16.11 11.63
CA SER B 160 25.37 -16.77 10.49
C SER B 160 24.74 -18.08 10.08
N HIS B 161 23.87 -18.67 10.93
CA HIS B 161 23.22 -19.92 10.57
C HIS B 161 21.84 -19.83 10.11
N LEU B 162 21.28 -18.63 10.12
CA LEU B 162 19.92 -18.45 9.69
C LEU B 162 19.57 -19.04 8.36
N GLN B 163 20.48 -19.09 7.38
CA GLN B 163 20.05 -19.56 6.08
C GLN B 163 19.73 -21.02 6.01
N HIS B 164 20.19 -21.81 6.95
CA HIS B 164 19.81 -23.21 7.02
C HIS B 164 18.55 -23.37 7.67
N VAL B 165 17.97 -22.24 8.24
CA VAL B 165 16.69 -22.38 8.87
C VAL B 165 15.70 -21.37 8.31
N LYS B 166 15.80 -21.15 7.01
CA LYS B 166 15.03 -20.14 6.37
C LYS B 166 13.52 -20.41 6.45
N TYR B 167 13.07 -21.70 6.40
CA TYR B 167 11.66 -22.01 6.32
C TYR B 167 11.24 -22.79 7.55
N LYS B 168 9.92 -22.76 7.76
CA LYS B 168 9.29 -23.48 8.86
C LYS B 168 9.70 -24.95 8.81
N GLY B 169 10.10 -25.46 9.96
CA GLY B 169 10.46 -26.90 10.09
C GLY B 169 11.92 -27.25 9.82
N GLN B 170 12.67 -26.27 9.32
CA GLN B 170 14.11 -26.51 9.06
C GLN B 170 14.90 -26.41 10.37
N GLU B 171 15.99 -27.16 10.41
CA GLU B 171 16.82 -27.27 11.62
C GLU B 171 18.27 -27.16 11.18
N ALA B 172 19.11 -26.60 12.04
CA ALA B 172 20.54 -26.50 11.77
C ALA B 172 21.28 -26.65 13.09
N PHE B 173 22.57 -26.88 13.03
CA PHE B 173 23.37 -27.01 14.21
C PHE B 173 24.30 -25.83 14.36
N VAL B 174 24.32 -25.29 15.57
CA VAL B 174 25.17 -24.12 15.87
C VAL B 174 26.21 -24.59 16.88
N PRO B 175 27.51 -24.40 16.58
CA PRO B 175 28.57 -24.76 17.62
C PRO B 175 28.32 -24.00 18.90
N GLY B 176 28.61 -24.62 20.03
CA GLY B 176 28.52 -23.94 21.32
C GLY B 176 29.36 -22.64 21.33
N PHE B 177 28.85 -21.62 22.05
CA PHE B 177 29.63 -20.44 22.37
C PHE B 177 29.11 -19.99 23.68
N ASN B 178 29.72 -18.92 24.18
CA ASN B 178 29.42 -18.44 25.50
C ASN B 178 28.20 -17.52 25.38
N ILE B 179 27.07 -18.06 25.83
CA ILE B 179 25.77 -17.33 25.78
C ILE B 179 25.91 -16.05 26.54
N GLU B 180 26.71 -16.00 27.58
CA GLU B 180 26.82 -14.78 28.36
C GLU B 180 27.30 -13.61 27.49
N GLU B 181 27.96 -13.88 26.37
CA GLU B 181 28.39 -12.86 25.46
C GLU B 181 27.20 -12.11 24.82
N LEU B 182 25.98 -12.69 24.91
CA LEU B 182 24.75 -12.01 24.39
C LEU B 182 24.14 -11.06 25.37
N LEU B 183 24.58 -11.09 26.64
CA LEU B 183 24.03 -10.20 27.66
C LEU B 183 24.77 -8.88 27.64
N PRO B 184 24.05 -7.85 28.11
CA PRO B 184 24.68 -6.54 28.18
C PRO B 184 25.54 -6.37 29.36
N GLU B 185 26.05 -5.11 29.36
CA GLU B 185 26.80 -4.55 30.50
C GLU B 185 25.88 -4.45 31.76
N ARG B 186 26.53 -4.66 32.91
CA ARG B 186 25.91 -4.41 34.25
C ARG B 186 24.63 -5.21 34.35
N THR B 187 24.75 -6.48 34.09
CA THR B 187 23.58 -7.32 34.28
C THR B 187 22.94 -7.19 35.65
N ALA B 188 23.67 -6.62 36.65
CA ALA B 188 23.11 -6.39 37.95
C ALA B 188 21.90 -5.47 37.90
N GLU B 189 21.77 -4.65 36.85
N GLU B 189 21.81 -4.65 36.83
CA GLU B 189 20.66 -3.67 36.79
CA GLU B 189 20.76 -3.62 36.63
C GLU B 189 19.63 -4.21 35.81
C GLU B 189 19.64 -4.25 35.78
N TYR B 190 18.45 -4.45 36.38
CA TYR B 190 17.37 -5.08 35.62
C TYR B 190 16.01 -4.65 36.20
N TYR B 191 15.02 -4.87 35.36
CA TYR B 191 13.66 -4.75 35.72
C TYR B 191 13.08 -6.16 35.94
N ARG B 192 12.26 -6.31 36.95
CA ARG B 192 11.65 -7.62 37.27
C ARG B 192 10.17 -7.44 37.43
N TYR B 193 9.39 -8.34 36.78
CA TYR B 193 7.94 -8.31 37.00
C TYR B 193 7.38 -9.70 36.64
N ARG B 194 6.19 -9.95 37.16
CA ARG B 194 5.41 -11.17 36.83
C ARG B 194 4.57 -10.91 35.64
N GLY B 195 4.73 -11.74 34.60
CA GLY B 195 4.03 -11.59 33.38
C GLY B 195 3.74 -12.91 32.70
N SER B 196 3.75 -12.86 31.40
CA SER B 196 3.24 -13.99 30.62
C SER B 196 4.17 -14.31 29.46
N LEU B 197 3.86 -15.39 28.79
CA LEU B 197 4.45 -15.62 27.45
C LEU B 197 3.90 -14.51 26.57
N THR B 198 4.73 -14.03 25.62
CA THR B 198 4.27 -12.99 24.71
C THR B 198 3.67 -13.50 23.43
N THR B 199 3.58 -14.84 23.31
CA THR B 199 2.97 -15.50 22.16
C THR B 199 1.92 -16.42 22.74
N PRO B 200 0.97 -16.79 21.88
CA PRO B 200 0.08 -17.95 22.25
C PRO B 200 0.87 -19.11 22.77
N PRO B 201 0.45 -19.76 23.89
N PRO B 201 0.39 -19.74 23.87
CA PRO B 201 -0.83 -19.61 24.56
CA PRO B 201 -0.90 -19.55 24.54
C PRO B 201 -0.89 -18.49 25.63
C PRO B 201 -0.95 -18.44 25.59
N CYS B 202 0.13 -17.63 25.72
CA CYS B 202 0.11 -16.41 26.54
C CYS B 202 -0.04 -16.73 28.04
N ASN B 203 0.47 -17.92 28.44
CA ASN B 203 0.33 -18.31 29.88
C ASN B 203 0.91 -17.29 30.79
N PRO B 204 0.19 -16.93 31.89
CA PRO B 204 0.70 -15.94 32.83
C PRO B 204 1.67 -16.51 33.86
N THR B 205 2.72 -17.15 33.41
CA THR B 205 3.57 -17.97 34.22
C THR B 205 5.04 -17.61 34.11
N VAL B 206 5.38 -16.40 33.67
CA VAL B 206 6.76 -15.96 33.51
C VAL B 206 7.18 -14.97 34.52
N LEU B 207 8.31 -15.23 35.14
CA LEU B 207 9.05 -14.22 35.88
C LEU B 207 10.00 -13.55 34.90
N TRP B 208 9.69 -12.31 34.59
CA TRP B 208 10.48 -11.55 33.62
C TRP B 208 11.63 -10.84 34.24
N THR B 209 12.83 -10.90 33.64
CA THR B 209 13.94 -10.03 33.99
C THR B 209 14.34 -9.37 32.70
N VAL B 210 14.25 -8.02 32.65
CA VAL B 210 14.63 -7.27 31.44
C VAL B 210 15.85 -6.47 31.83
N PHE B 211 16.97 -6.79 31.22
CA PHE B 211 18.16 -5.99 31.58
C PHE B 211 18.01 -4.53 31.24
N ARG B 212 18.56 -3.67 32.10
CA ARG B 212 18.42 -2.22 31.92
C ARG B 212 19.15 -1.77 30.67
N ASN B 213 20.31 -2.35 30.39
CA ASN B 213 21.19 -1.81 29.37
C ASN B 213 21.02 -2.66 28.09
N PRO B 214 20.89 -2.03 26.93
CA PRO B 214 20.80 -2.77 25.67
C PRO B 214 22.17 -3.26 25.20
N VAL B 215 22.16 -4.18 24.28
CA VAL B 215 23.30 -4.53 23.46
C VAL B 215 23.16 -3.93 22.08
N GLN B 216 24.24 -3.91 21.29
CA GLN B 216 24.18 -3.41 19.91
C GLN B 216 24.41 -4.55 18.93
N ILE B 217 23.71 -4.50 17.81
CA ILE B 217 24.08 -5.30 16.64
C ILE B 217 24.08 -4.28 15.47
N SER B 218 24.70 -4.63 14.36
CA SER B 218 24.77 -3.62 13.33
C SER B 218 23.55 -3.54 12.45
N GLN B 219 23.48 -2.49 11.66
CA GLN B 219 22.44 -2.34 10.62
C GLN B 219 22.46 -3.58 9.73
N GLU B 220 23.63 -4.09 9.33
CA GLU B 220 23.71 -5.19 8.39
C GLU B 220 23.21 -6.46 9.07
N GLN B 221 23.50 -6.65 10.33
CA GLN B 221 22.99 -7.84 11.10
C GLN B 221 21.50 -7.74 11.23
N LEU B 222 20.93 -6.58 11.55
CA LEU B 222 19.48 -6.45 11.61
C LEU B 222 18.90 -6.73 10.27
N LEU B 223 19.47 -6.25 9.18
CA LEU B 223 18.84 -6.46 7.85
C LEU B 223 18.89 -7.94 7.53
N ALA B 224 20.00 -8.62 7.88
CA ALA B 224 20.12 -10.05 7.64
C ALA B 224 19.05 -10.77 8.41
N LEU B 225 18.89 -10.48 9.68
CA LEU B 225 17.85 -11.12 10.49
C LEU B 225 16.44 -10.87 9.98
N GLU B 226 16.20 -9.67 9.49
CA GLU B 226 14.88 -9.24 9.03
C GLU B 226 14.59 -9.75 7.59
N THR B 227 15.58 -10.34 6.89
CA THR B 227 15.28 -10.84 5.55
C THR B 227 15.62 -12.30 5.45
N ALA B 228 16.06 -12.96 6.50
CA ALA B 228 16.57 -14.34 6.42
C ALA B 228 15.40 -15.39 6.42
N LEU B 229 14.31 -15.05 7.12
CA LEU B 229 13.39 -16.08 7.57
C LEU B 229 12.01 -15.92 7.09
N TYR B 230 11.33 -17.07 6.95
CA TYR B 230 9.90 -17.16 6.58
C TYR B 230 9.13 -17.96 7.66
N CYS B 231 7.89 -17.57 7.79
CA CYS B 231 7.03 -18.28 8.67
C CYS B 231 6.52 -19.58 8.07
N THR B 232 6.63 -19.70 6.75
CA THR B 232 6.01 -20.76 5.99
C THR B 232 7.04 -21.84 5.60
N HIS B 233 6.52 -23.03 5.24
CA HIS B 233 7.35 -24.07 4.70
C HIS B 233 7.99 -23.72 3.37
N MET B 234 9.11 -24.36 3.06
N MET B 234 9.09 -24.39 3.01
CA MET B 234 9.79 -24.15 1.80
CA MET B 234 9.83 -24.13 1.78
C MET B 234 8.79 -24.16 0.64
C MET B 234 8.96 -24.33 0.53
N ASP B 235 7.91 -25.16 0.66
CA ASP B 235 7.09 -25.43 -0.57
C ASP B 235 5.76 -24.70 -0.50
N ASP B 236 5.56 -23.79 0.45
CA ASP B 236 4.28 -23.10 0.53
C ASP B 236 4.04 -22.19 -0.61
N PRO B 237 2.91 -22.29 -1.30
CA PRO B 237 2.64 -21.39 -2.42
C PRO B 237 2.23 -19.97 -1.97
N SER B 238 2.07 -19.69 -0.67
CA SER B 238 1.77 -18.34 -0.18
C SER B 238 2.76 -18.01 0.93
N PRO B 239 4.01 -17.74 0.54
CA PRO B 239 5.05 -17.53 1.53
C PRO B 239 4.77 -16.32 2.40
N ARG B 240 5.21 -16.35 3.65
CA ARG B 240 5.08 -15.18 4.49
C ARG B 240 6.39 -14.92 5.19
N GLU B 241 6.96 -13.74 5.03
CA GLU B 241 8.22 -13.38 5.70
C GLU B 241 8.03 -13.33 7.21
N MET B 242 9.05 -13.73 7.94
CA MET B 242 9.03 -13.68 9.43
C MET B 242 9.61 -12.27 9.78
N ILE B 243 8.68 -11.31 9.88
CA ILE B 243 9.01 -9.93 10.18
C ILE B 243 7.98 -9.40 11.17
N ASN B 244 8.35 -8.37 11.91
CA ASN B 244 7.40 -7.74 12.78
C ASN B 244 6.80 -8.74 13.80
N ASN B 245 7.66 -9.61 14.34
CA ASN B 245 7.16 -10.70 15.17
C ASN B 245 7.29 -10.27 16.64
N PHE B 246 6.61 -9.23 16.97
CA PHE B 246 6.59 -8.69 18.33
C PHE B 246 5.13 -8.34 18.71
N ARG B 247 4.72 -8.57 19.95
CA ARG B 247 3.39 -8.19 20.44
C ARG B 247 3.43 -6.75 20.86
N GLN B 248 2.34 -6.03 20.67
CA GLN B 248 2.16 -4.67 21.29
C GLN B 248 2.23 -4.76 22.77
N VAL B 249 2.66 -3.68 23.42
CA VAL B 249 2.60 -3.64 24.88
C VAL B 249 1.18 -3.75 25.41
N GLN B 250 1.06 -4.30 26.61
CA GLN B 250 -0.18 -4.63 27.30
C GLN B 250 -0.47 -3.69 28.43
N LYS B 251 -1.75 -3.47 28.78
CA LYS B 251 -2.01 -2.68 29.95
C LYS B 251 -1.34 -3.27 31.18
N PHE B 252 -0.88 -2.42 32.10
CA PHE B 252 -0.26 -2.88 33.32
C PHE B 252 -0.56 -1.81 34.37
N ASP B 253 -1.53 -2.09 35.26
CA ASP B 253 -2.10 -1.09 36.30
C ASP B 253 -2.41 -1.98 37.39
N GLU B 254 -2.29 -1.43 38.59
CA GLU B 254 -2.26 -2.24 39.77
C GLU B 254 -1.27 -3.39 39.62
N ARG B 255 -0.25 -3.26 38.78
CA ARG B 255 1.01 -4.05 38.71
C ARG B 255 2.16 -2.97 38.87
N LEU B 256 3.21 -3.29 39.64
CA LEU B 256 4.50 -2.62 39.63
C LEU B 256 5.64 -3.59 39.04
N VAL B 257 6.57 -2.89 38.48
CA VAL B 257 7.78 -3.43 37.98
C VAL B 257 8.85 -3.00 38.97
N TYR B 258 9.60 -3.98 39.42
CA TYR B 258 10.64 -3.73 40.44
C TYR B 258 11.96 -3.62 39.81
N THR B 259 12.77 -2.68 40.25
CA THR B 259 14.07 -2.42 39.66
C THR B 259 15.17 -2.73 40.66
N SER B 260 16.24 -3.26 40.12
CA SER B 260 17.41 -3.56 41.02
C SER B 260 18.32 -2.34 41.06
N PHE B 261 17.93 -1.20 40.47
CA PHE B 261 18.69 0.03 40.40
C PHE B 261 17.76 1.13 40.87
N SER B 262 18.34 2.14 41.54
CA SER B 262 17.49 3.16 42.13
C SER B 262 16.79 4.00 41.00
N GLN B 263 17.43 4.12 39.84
CA GLN B 263 17.87 5.44 39.35
C GLN B 263 19.33 5.35 38.80
N LYS C 3 -21.46 -3.46 -19.69
CA LYS C 3 -21.05 -3.28 -18.26
C LYS C 3 -19.54 -3.12 -18.11
N TRP C 4 -18.94 -2.51 -19.14
CA TRP C 4 -17.49 -2.23 -19.21
C TRP C 4 -16.97 -1.27 -18.15
N THR C 5 -15.66 -1.39 -17.85
CA THR C 5 -15.00 -0.60 -16.84
C THR C 5 -13.58 -0.21 -17.25
N TYR C 6 -12.91 0.58 -16.42
CA TYR C 6 -11.49 0.80 -16.61
C TYR C 6 -10.63 -0.04 -15.67
N PHE C 7 -11.21 -0.94 -14.94
CA PHE C 7 -10.41 -1.61 -13.91
C PHE C 7 -10.77 -3.10 -13.88
N GLY C 8 -9.97 -3.94 -13.24
CA GLY C 8 -10.38 -5.33 -12.93
C GLY C 8 -10.82 -6.03 -14.19
N PRO C 9 -11.65 -7.08 -14.06
CA PRO C 9 -12.24 -8.04 -15.03
C PRO C 9 -12.93 -7.47 -16.28
N ASP C 10 -13.53 -6.30 -16.21
CA ASP C 10 -14.28 -5.77 -17.32
C ASP C 10 -13.56 -4.59 -17.92
N GLY C 11 -12.27 -4.45 -17.61
CA GLY C 11 -11.44 -3.36 -18.04
C GLY C 11 -10.96 -3.52 -19.48
N GLU C 12 -10.07 -2.61 -19.86
CA GLU C 12 -9.93 -2.28 -21.27
C GLU C 12 -9.36 -3.48 -22.11
N ASN C 13 -8.59 -4.39 -21.50
CA ASN C 13 -8.11 -5.55 -22.29
C ASN C 13 -9.24 -6.54 -22.67
N SER C 14 -10.37 -6.36 -21.98
N SER C 14 -10.39 -6.44 -22.02
CA SER C 14 -11.50 -7.24 -22.20
CA SER C 14 -11.45 -7.36 -22.41
C SER C 14 -12.55 -6.64 -23.14
C SER C 14 -12.63 -6.60 -23.06
N TRP C 15 -12.47 -5.33 -23.39
CA TRP C 15 -13.51 -4.63 -24.21
C TRP C 15 -13.82 -5.36 -25.47
N SER C 16 -12.79 -5.89 -26.14
CA SER C 16 -12.97 -6.45 -27.49
C SER C 16 -13.92 -7.66 -27.49
N LYS C 17 -14.14 -8.32 -26.35
N LYS C 17 -14.15 -8.32 -26.34
CA LYS C 17 -15.06 -9.46 -26.34
CA LYS C 17 -15.04 -9.49 -26.33
C LYS C 17 -16.46 -9.02 -26.80
C LYS C 17 -16.48 -9.09 -26.71
N LYS C 18 -16.98 -7.99 -26.14
CA LYS C 18 -18.33 -7.52 -26.45
C LYS C 18 -18.33 -6.42 -27.46
N TYR C 19 -17.20 -5.71 -27.64
CA TYR C 19 -17.10 -4.56 -28.55
C TYR C 19 -15.96 -4.84 -29.50
N PRO C 20 -16.21 -5.55 -30.57
CA PRO C 20 -15.12 -6.03 -31.38
C PRO C 20 -14.27 -4.88 -31.93
N SER C 21 -14.86 -3.70 -32.18
CA SER C 21 -13.99 -2.61 -32.72
C SER C 21 -12.85 -2.25 -31.80
N CYS C 22 -12.95 -2.54 -30.53
CA CYS C 22 -11.91 -2.20 -29.60
C CYS C 22 -10.63 -2.98 -29.86
N GLY C 23 -10.70 -4.03 -30.66
CA GLY C 23 -9.53 -4.77 -31.13
C GLY C 23 -9.23 -4.58 -32.58
N GLY C 24 -9.87 -3.58 -33.22
CA GLY C 24 -9.65 -3.39 -34.62
C GLY C 24 -8.78 -2.24 -34.96
N LEU C 25 -9.00 -1.70 -36.16
CA LEU C 25 -8.16 -0.61 -36.71
C LEU C 25 -8.43 0.74 -36.07
N LEU C 26 -7.45 1.62 -36.21
CA LEU C 26 -7.62 3.09 -36.00
C LEU C 26 -7.90 3.41 -34.52
N GLN C 27 -7.35 2.60 -33.60
CA GLN C 27 -7.70 2.83 -32.18
C GLN C 27 -6.97 4.03 -31.59
N SER C 28 -7.71 4.74 -30.74
CA SER C 28 -7.21 5.89 -29.98
C SER C 28 -7.28 5.51 -28.47
N PRO C 29 -6.58 6.22 -27.61
CA PRO C 29 -5.66 7.36 -27.88
C PRO C 29 -4.30 6.84 -28.29
N ILE C 30 -3.42 7.80 -28.59
CA ILE C 30 -2.06 7.55 -29.12
C ILE C 30 -1.06 8.49 -28.48
N ASP C 31 0.20 8.10 -28.58
CA ASP C 31 1.29 9.03 -28.21
C ASP C 31 1.60 9.94 -29.40
N LEU C 32 1.67 11.24 -29.12
CA LEU C 32 1.96 12.26 -30.13
C LEU C 32 3.43 12.64 -29.97
N HIS C 33 4.27 12.27 -30.90
CA HIS C 33 5.72 12.53 -30.79
C HIS C 33 6.32 12.93 -32.08
N SER C 34 7.50 13.56 -32.01
N SER C 34 7.47 13.63 -32.07
CA SER C 34 8.03 14.36 -33.11
CA SER C 34 7.89 14.41 -33.25
C SER C 34 8.10 13.56 -34.40
C SER C 34 8.10 13.55 -34.50
N ASP C 35 8.58 12.32 -34.30
CA ASP C 35 8.91 11.49 -35.48
C ASP C 35 7.74 11.15 -36.33
N ILE C 36 6.51 11.32 -35.80
CA ILE C 36 5.37 10.94 -36.58
C ILE C 36 4.53 12.18 -36.94
N LEU C 37 5.01 13.40 -36.63
CA LEU C 37 4.27 14.60 -36.97
C LEU C 37 4.57 15.08 -38.40
N GLN C 38 3.56 15.61 -39.04
CA GLN C 38 3.77 16.23 -40.37
C GLN C 38 2.90 17.44 -40.50
N TYR C 39 3.50 18.60 -40.76
CA TYR C 39 2.71 19.80 -41.00
C TYR C 39 1.73 19.60 -42.22
N ASP C 40 0.52 20.10 -42.13
CA ASP C 40 -0.47 19.94 -43.23
C ASP C 40 -1.14 21.31 -43.33
N ALA C 41 -0.95 21.95 -44.50
CA ALA C 41 -1.51 23.31 -44.77
C ALA C 41 -3.01 23.30 -44.75
N SER C 42 -3.66 22.15 -44.87
CA SER C 42 -5.10 22.16 -44.89
C SER C 42 -5.70 22.47 -43.52
N LEU C 43 -4.87 22.36 -42.48
CA LEU C 43 -5.37 22.43 -41.10
C LEU C 43 -5.49 23.88 -40.64
N THR C 44 -6.49 24.54 -41.19
CA THR C 44 -6.74 25.98 -40.92
C THR C 44 -7.50 26.08 -39.58
N PRO C 45 -7.66 27.28 -39.06
CA PRO C 45 -8.33 27.39 -37.77
C PRO C 45 -9.79 26.99 -37.79
N LEU C 46 -10.20 26.20 -36.81
CA LEU C 46 -11.61 25.81 -36.62
C LEU C 46 -12.38 27.01 -36.16
N GLU C 47 -13.68 27.04 -36.49
CA GLU C 47 -14.59 28.05 -35.95
C GLU C 47 -15.57 27.35 -35.03
N PHE C 48 -15.72 27.89 -33.85
CA PHE C 48 -16.56 27.30 -32.83
C PHE C 48 -17.85 28.11 -32.75
N GLN C 49 -18.98 27.56 -33.22
CA GLN C 49 -20.15 28.37 -33.50
C GLN C 49 -21.17 27.94 -32.49
N GLY C 50 -21.84 28.93 -31.92
CA GLY C 50 -22.83 28.63 -30.93
C GLY C 50 -22.31 28.02 -29.65
N TYR C 51 -21.02 28.24 -29.38
CA TYR C 51 -20.43 27.78 -28.14
C TYR C 51 -20.84 28.64 -26.92
N ASN C 52 -21.18 29.92 -27.15
CA ASN C 52 -21.54 30.88 -26.10
C ASN C 52 -22.97 30.60 -25.63
N LEU C 53 -23.12 29.60 -24.77
CA LEU C 53 -24.41 29.04 -24.44
C LEU C 53 -25.10 30.09 -23.58
N SER C 54 -26.38 30.29 -23.94
CA SER C 54 -27.31 31.18 -23.26
C SER C 54 -27.12 31.06 -21.75
N ALA C 55 -26.60 32.15 -21.16
CA ALA C 55 -26.38 32.22 -19.70
C ALA C 55 -27.67 31.85 -18.94
N ASN C 56 -28.83 31.93 -19.61
CA ASN C 56 -30.11 31.46 -19.03
C ASN C 56 -30.75 30.09 -19.45
N LYS C 57 -30.15 29.35 -20.43
CA LYS C 57 -30.62 27.94 -20.66
C LYS C 57 -29.80 27.08 -19.66
N GLN C 58 -30.29 25.83 -19.41
CA GLN C 58 -29.55 24.87 -18.54
C GLN C 58 -29.26 23.52 -19.22
N PHE C 59 -28.15 22.90 -18.83
CA PHE C 59 -27.60 21.72 -19.54
C PHE C 59 -27.34 20.58 -18.59
N LEU C 60 -27.72 19.38 -19.02
CA LEU C 60 -27.75 18.20 -18.18
C LEU C 60 -26.38 17.61 -17.87
N LEU C 61 -26.19 17.13 -16.65
CA LEU C 61 -24.96 16.52 -16.20
C LEU C 61 -25.29 15.15 -15.63
N THR C 62 -24.50 14.11 -16.00
CA THR C 62 -24.77 12.73 -15.65
C THR C 62 -23.44 12.17 -15.26
N ASN C 63 -23.48 11.46 -14.14
CA ASN C 63 -22.51 10.48 -13.87
C ASN C 63 -23.02 9.17 -14.44
N ASN C 64 -22.37 8.70 -15.53
CA ASN C 64 -22.78 7.45 -16.22
C ASN C 64 -21.96 6.21 -15.77
N GLY C 65 -21.26 6.44 -14.66
CA GLY C 65 -20.36 5.48 -14.07
C GLY C 65 -19.03 5.30 -14.79
N HIS C 66 -18.82 5.99 -15.91
CA HIS C 66 -17.57 5.91 -16.67
C HIS C 66 -16.88 7.21 -16.57
N SER C 67 -17.65 8.30 -16.53
CA SER C 67 -17.11 9.65 -16.46
C SER C 67 -18.29 10.53 -15.98
N VAL C 68 -18.05 11.83 -15.91
CA VAL C 68 -19.12 12.84 -15.84
C VAL C 68 -19.26 13.50 -17.21
N LYS C 69 -20.51 13.56 -17.72
CA LYS C 69 -20.78 14.16 -19.05
C LYS C 69 -21.71 15.38 -18.91
N LEU C 70 -21.47 16.40 -19.73
CA LEU C 70 -22.38 17.53 -19.88
C LEU C 70 -23.01 17.45 -21.28
N ASN C 71 -24.32 17.34 -21.34
CA ASN C 71 -25.06 17.25 -22.59
C ASN C 71 -25.01 18.62 -23.23
N LEU C 72 -24.81 18.62 -24.55
CA LEU C 72 -24.62 19.87 -25.30
C LEU C 72 -25.67 19.89 -26.41
N PRO C 73 -26.14 21.11 -26.79
CA PRO C 73 -27.25 21.23 -27.76
C PRO C 73 -26.73 21.17 -29.20
N SER C 74 -27.52 20.61 -30.11
CA SER C 74 -27.04 20.41 -31.46
C SER C 74 -26.78 21.72 -32.25
N ASP C 75 -27.32 22.87 -31.86
CA ASP C 75 -27.02 24.10 -32.61
C ASP C 75 -25.52 24.59 -32.28
N MET C 76 -24.85 23.88 -31.37
CA MET C 76 -23.47 24.19 -31.15
C MET C 76 -22.65 23.32 -32.13
N HIS C 77 -21.71 23.91 -32.88
CA HIS C 77 -21.05 23.17 -33.97
C HIS C 77 -19.69 23.64 -34.30
N ILE C 78 -18.90 22.78 -34.97
CA ILE C 78 -17.63 23.20 -35.49
C ILE C 78 -17.83 23.51 -36.99
N GLN C 79 -17.29 24.63 -37.45
CA GLN C 79 -17.31 24.96 -38.87
C GLN C 79 -15.82 24.91 -39.28
N GLY C 80 -15.55 24.45 -40.48
CA GLY C 80 -14.19 24.38 -40.95
C GLY C 80 -13.78 22.97 -41.34
N LEU C 81 -14.53 21.96 -40.91
CA LEU C 81 -14.21 20.57 -41.33
C LEU C 81 -14.99 20.27 -42.60
N GLN C 82 -14.83 19.07 -43.14
CA GLN C 82 -15.42 18.72 -44.46
C GLN C 82 -16.97 18.56 -44.39
N SER C 83 -17.51 18.31 -43.20
CA SER C 83 -18.95 18.29 -42.88
C SER C 83 -19.17 19.14 -41.66
N ARG C 84 -20.40 19.56 -41.40
CA ARG C 84 -20.70 20.15 -40.14
C ARG C 84 -20.73 19.09 -39.04
N TYR C 85 -20.05 19.38 -37.95
CA TYR C 85 -20.09 18.47 -36.77
C TYR C 85 -20.76 19.23 -35.65
N SER C 86 -21.87 18.70 -35.14
CA SER C 86 -22.62 19.39 -34.11
C SER C 86 -22.35 18.72 -32.76
N ALA C 87 -22.39 19.55 -31.74
CA ALA C 87 -22.12 18.99 -30.42
C ALA C 87 -23.13 18.00 -29.88
N THR C 88 -22.62 17.06 -29.07
CA THR C 88 -23.50 16.16 -28.34
C THR C 88 -23.23 16.16 -26.84
N GLN C 89 -21.95 16.25 -26.45
CA GLN C 89 -21.61 16.20 -25.02
C GLN C 89 -20.15 16.54 -24.83
N LEU C 90 -19.79 16.99 -23.63
CA LEU C 90 -18.41 16.98 -23.18
C LEU C 90 -18.20 16.10 -21.97
N HIS C 91 -16.95 15.67 -21.76
CA HIS C 91 -16.63 14.90 -20.58
C HIS C 91 -15.16 14.91 -20.38
N LEU C 92 -14.74 14.26 -19.30
CA LEU C 92 -13.33 14.30 -18.90
C LEU C 92 -12.77 12.94 -18.56
N HIS C 93 -11.42 12.90 -18.59
CA HIS C 93 -10.66 11.69 -18.19
C HIS C 93 -9.58 12.13 -17.26
N TRP C 94 -9.35 11.38 -16.18
CA TRP C 94 -8.34 11.84 -15.24
C TRP C 94 -7.70 10.61 -14.54
N GLY C 95 -6.71 10.92 -13.70
CA GLY C 95 -5.91 9.91 -12.98
C GLY C 95 -6.37 9.77 -11.56
N ASN C 96 -5.45 9.96 -10.61
CA ASN C 96 -5.84 9.82 -9.17
C ASN C 96 -4.81 10.59 -8.36
N PRO C 97 -5.14 10.90 -7.09
CA PRO C 97 -4.22 11.82 -6.39
C PRO C 97 -2.77 11.28 -6.16
N ASN C 98 -2.62 9.96 -6.12
CA ASN C 98 -1.27 9.32 -6.03
C ASN C 98 -0.54 9.29 -7.34
N ASP C 99 -1.19 9.57 -8.44
CA ASP C 99 -0.57 9.51 -9.79
C ASP C 99 -1.50 10.37 -10.67
N PRO C 100 -1.28 11.67 -10.62
CA PRO C 100 -2.24 12.61 -11.23
C PRO C 100 -1.88 12.88 -12.68
N HIS C 101 -1.97 11.80 -13.47
CA HIS C 101 -1.51 11.82 -14.86
C HIS C 101 -2.38 10.97 -15.71
N GLY C 102 -3.60 11.42 -15.92
CA GLY C 102 -4.66 10.64 -16.47
C GLY C 102 -5.25 11.19 -17.75
N SER C 103 -4.47 11.94 -18.53
CA SER C 103 -4.90 12.21 -19.88
C SER C 103 -4.93 10.93 -20.70
N GLU C 104 -5.64 10.95 -21.82
CA GLU C 104 -5.69 9.79 -22.73
C GLU C 104 -4.51 9.86 -23.71
N HIS C 105 -4.43 10.97 -24.47
CA HIS C 105 -3.27 11.16 -25.36
C HIS C 105 -2.05 11.52 -24.52
N THR C 106 -0.90 11.17 -25.05
CA THR C 106 0.37 11.55 -24.43
C THR C 106 1.13 12.31 -25.46
N VAL C 107 2.05 13.15 -24.95
CA VAL C 107 2.94 13.92 -25.82
C VAL C 107 4.38 13.50 -25.48
N SER C 108 5.11 12.96 -26.42
CA SER C 108 6.48 12.51 -26.18
C SER C 108 6.49 11.59 -24.97
N GLY C 109 5.53 10.67 -24.90
CA GLY C 109 5.44 9.70 -23.87
C GLY C 109 4.87 10.18 -22.58
N GLN C 110 4.54 11.46 -22.44
CA GLN C 110 4.09 11.97 -21.18
C GLN C 110 2.61 12.26 -21.09
N HIS C 111 1.99 11.73 -20.04
CA HIS C 111 0.64 12.11 -19.77
C HIS C 111 0.54 13.52 -19.28
N PHE C 112 -0.63 14.13 -19.51
CA PHE C 112 -1.05 15.33 -18.81
C PHE C 112 -1.93 14.92 -17.66
N ALA C 113 -2.25 15.88 -16.78
CA ALA C 113 -3.08 15.53 -15.64
C ALA C 113 -4.43 15.00 -15.97
N ALA C 114 -5.07 15.59 -17.01
CA ALA C 114 -6.43 15.19 -17.37
C ALA C 114 -6.64 15.60 -18.81
N GLU C 115 -7.81 15.22 -19.33
CA GLU C 115 -8.08 15.58 -20.71
C GLU C 115 -9.64 15.80 -20.78
N LEU C 116 -9.98 16.86 -21.51
CA LEU C 116 -11.39 17.17 -21.77
C LEU C 116 -11.64 16.79 -23.23
N HIS C 117 -12.79 16.20 -23.46
CA HIS C 117 -13.22 15.86 -24.80
C HIS C 117 -14.58 16.50 -25.04
N ILE C 118 -14.71 17.15 -26.19
CA ILE C 118 -15.96 17.78 -26.62
C ILE C 118 -16.37 17.00 -27.88
N VAL C 119 -17.37 16.15 -27.77
CA VAL C 119 -17.76 15.17 -28.77
C VAL C 119 -18.79 15.88 -29.65
N HIS C 120 -18.55 15.72 -30.95
CA HIS C 120 -19.54 16.20 -31.95
C HIS C 120 -19.84 15.09 -32.96
N TYR C 121 -20.99 15.15 -33.65
CA TYR C 121 -21.36 14.16 -34.62
C TYR C 121 -21.59 14.87 -35.93
N ASN C 122 -21.51 14.07 -36.98
CA ASN C 122 -21.66 14.57 -38.33
C ASN C 122 -23.17 14.76 -38.65
N SER C 123 -23.67 15.96 -38.43
CA SER C 123 -25.11 16.22 -38.54
C SER C 123 -25.50 16.42 -40.00
N ASP C 124 -24.53 16.58 -40.90
CA ASP C 124 -24.88 16.63 -42.30
C ASP C 124 -25.30 15.22 -42.77
N LEU C 125 -24.60 14.22 -42.24
CA LEU C 125 -24.89 12.81 -42.64
C LEU C 125 -25.90 12.09 -41.78
N TYR C 126 -25.94 12.43 -40.48
CA TYR C 126 -26.67 11.61 -39.53
C TYR C 126 -27.58 12.44 -38.64
N PRO C 127 -28.65 11.83 -38.13
CA PRO C 127 -29.66 12.57 -37.40
C PRO C 127 -29.30 12.87 -35.95
N ASP C 128 -28.35 12.12 -35.39
CA ASP C 128 -28.03 12.26 -33.97
C ASP C 128 -26.72 11.47 -33.72
N ALA C 129 -26.16 11.69 -32.54
CA ALA C 129 -24.87 11.10 -32.21
C ALA C 129 -24.86 9.57 -32.07
N SER C 130 -25.94 8.97 -31.54
CA SER C 130 -25.93 7.56 -31.44
C SER C 130 -25.95 6.93 -32.83
N THR C 131 -26.71 7.49 -33.80
CA THR C 131 -26.76 6.90 -35.14
C THR C 131 -25.38 7.09 -35.74
N ALA C 132 -24.79 8.28 -35.54
CA ALA C 132 -23.50 8.62 -36.19
C ALA C 132 -22.35 7.76 -35.73
N SER C 133 -22.42 7.31 -34.47
CA SER C 133 -21.22 6.88 -33.78
C SER C 133 -20.56 5.67 -34.42
N ASN C 134 -21.32 4.79 -35.06
CA ASN C 134 -20.71 3.62 -35.65
C ASN C 134 -20.68 3.72 -37.19
N LYS C 135 -20.76 4.95 -37.75
CA LYS C 135 -20.84 5.13 -39.18
C LYS C 135 -19.70 5.99 -39.69
N SER C 136 -19.40 5.85 -40.97
CA SER C 136 -18.33 6.54 -41.58
C SER C 136 -18.35 8.03 -41.32
N GLU C 137 -17.22 8.64 -40.93
CA GLU C 137 -17.12 10.09 -40.75
C GLU C 137 -18.14 10.55 -39.69
N GLY C 138 -18.46 9.67 -38.73
CA GLY C 138 -19.56 9.98 -37.83
C GLY C 138 -19.27 10.97 -36.75
N LEU C 139 -18.02 11.07 -36.26
CA LEU C 139 -17.74 11.86 -35.11
C LEU C 139 -16.51 12.79 -35.28
N ALA C 140 -16.45 13.82 -34.48
CA ALA C 140 -15.28 14.69 -34.38
C ALA C 140 -15.17 15.04 -32.91
N VAL C 141 -14.00 14.82 -32.32
CA VAL C 141 -13.82 15.14 -30.92
C VAL C 141 -12.72 16.18 -30.83
N LEU C 142 -12.98 17.19 -29.99
CA LEU C 142 -11.91 18.14 -29.61
C LEU C 142 -11.33 17.70 -28.29
N ALA C 143 -10.00 17.63 -28.21
CA ALA C 143 -9.33 17.23 -26.98
C ALA C 143 -8.49 18.35 -26.46
N VAL C 144 -8.68 18.63 -25.19
CA VAL C 144 -7.89 19.66 -24.52
C VAL C 144 -7.08 18.96 -23.40
N LEU C 145 -5.76 19.09 -23.47
CA LEU C 145 -4.87 18.56 -22.42
C LEU C 145 -4.88 19.51 -21.23
N ILE C 146 -4.95 18.90 -20.03
CA ILE C 146 -5.07 19.73 -18.79
C ILE C 146 -3.89 19.46 -17.93
N GLU C 147 -3.22 20.53 -17.48
CA GLU C 147 -2.16 20.37 -16.51
C GLU C 147 -2.45 21.26 -15.26
N MET C 148 -1.76 20.99 -14.14
N MET C 148 -1.74 21.03 -14.17
CA MET C 148 -1.89 21.77 -12.92
CA MET C 148 -1.92 21.82 -13.00
C MET C 148 -1.20 23.13 -13.17
C MET C 148 -1.19 23.15 -13.19
N GLY C 149 -1.80 24.25 -12.72
CA GLY C 149 -1.23 25.60 -12.86
C GLY C 149 -2.17 26.56 -12.15
N SER C 150 -2.44 27.73 -12.73
CA SER C 150 -3.27 28.72 -12.05
C SER C 150 -4.70 28.26 -12.10
N PHE C 151 -5.46 28.71 -11.11
CA PHE C 151 -6.88 28.47 -11.03
C PHE C 151 -7.58 28.90 -12.29
N ASN C 152 -8.56 28.12 -12.72
CA ASN C 152 -9.19 28.38 -13.99
C ASN C 152 -10.64 28.70 -13.72
N PRO C 153 -11.05 30.01 -13.73
CA PRO C 153 -12.49 30.28 -13.52
C PRO C 153 -13.47 29.51 -14.42
N SER C 154 -13.13 29.38 -15.71
CA SER C 154 -14.04 28.76 -16.64
C SER C 154 -14.22 27.25 -16.32
N TYR C 155 -13.13 26.53 -16.05
CA TYR C 155 -13.33 25.17 -15.64
C TYR C 155 -14.11 24.99 -14.39
N ASP C 156 -14.04 25.99 -13.57
CA ASP C 156 -14.86 25.86 -12.34
C ASP C 156 -16.37 25.94 -12.62
N LYS C 157 -16.73 26.55 -13.78
CA LYS C 157 -18.15 26.73 -14.07
C LYS C 157 -18.68 25.28 -14.19
N ILE C 158 -17.76 24.33 -14.42
CA ILE C 158 -18.16 22.93 -14.34
C ILE C 158 -17.89 22.20 -13.01
N PHE C 159 -16.68 22.31 -12.48
CA PHE C 159 -16.32 21.51 -11.29
C PHE C 159 -17.16 21.85 -10.05
N SER C 160 -17.65 23.11 -9.97
CA SER C 160 -18.35 23.63 -8.80
C SER C 160 -19.60 22.81 -8.54
N HIS C 161 -19.95 22.10 -9.60
CA HIS C 161 -21.10 21.21 -9.68
C HIS C 161 -20.98 19.71 -9.44
N LEU C 162 -19.78 19.16 -9.31
CA LEU C 162 -19.62 17.69 -9.19
C LEU C 162 -20.27 16.95 -7.99
N GLN C 163 -20.59 17.65 -6.93
CA GLN C 163 -21.14 16.96 -5.75
C GLN C 163 -22.59 16.44 -5.91
N HIS C 164 -23.23 16.94 -6.98
CA HIS C 164 -24.62 16.58 -7.32
C HIS C 164 -24.78 15.40 -8.17
N VAL C 165 -23.66 15.01 -8.72
CA VAL C 165 -23.58 13.87 -9.58
C VAL C 165 -22.48 12.95 -9.04
N LYS C 166 -22.26 13.08 -7.71
CA LYS C 166 -21.14 12.35 -7.03
C LYS C 166 -21.21 10.90 -7.35
N TYR C 167 -22.44 10.42 -7.43
CA TYR C 167 -22.74 9.03 -7.73
C TYR C 167 -23.42 8.79 -9.12
N LYS C 168 -23.31 7.55 -9.55
CA LYS C 168 -23.77 7.01 -10.79
C LYS C 168 -25.23 7.03 -11.04
N GLY C 169 -25.59 6.96 -12.32
CA GLY C 169 -26.98 6.88 -12.68
C GLY C 169 -27.66 8.10 -12.10
N GLN C 170 -26.85 8.96 -11.47
CA GLN C 170 -27.37 10.20 -10.89
C GLN C 170 -27.25 11.34 -11.94
N GLU C 171 -28.04 12.38 -11.80
N GLU C 171 -28.04 12.38 -11.73
CA GLU C 171 -27.97 13.53 -12.73
CA GLU C 171 -28.15 13.47 -12.72
C GLU C 171 -28.03 14.88 -12.05
C GLU C 171 -28.29 14.90 -12.14
N ALA C 172 -27.79 15.92 -12.85
CA ALA C 172 -27.94 17.38 -12.43
C ALA C 172 -28.02 18.43 -13.58
N PHE C 173 -28.24 19.74 -13.27
CA PHE C 173 -28.30 20.86 -14.28
C PHE C 173 -27.21 21.97 -14.17
N VAL C 174 -26.71 22.43 -15.32
CA VAL C 174 -25.70 23.51 -15.40
C VAL C 174 -26.11 24.71 -16.25
N PRO C 175 -26.06 25.94 -15.65
CA PRO C 175 -26.34 27.11 -16.48
C PRO C 175 -25.32 27.28 -17.60
N GLY C 176 -25.86 27.67 -18.79
CA GLY C 176 -25.05 27.99 -19.94
C GLY C 176 -23.91 28.94 -19.63
N PHE C 177 -22.77 28.65 -20.27
CA PHE C 177 -21.58 29.54 -20.33
C PHE C 177 -20.86 29.35 -21.68
N ASN C 178 -19.84 30.17 -21.99
CA ASN C 178 -19.11 30.11 -23.24
C ASN C 178 -18.19 28.85 -23.22
N ILE C 179 -18.59 27.74 -23.87
CA ILE C 179 -17.85 26.48 -23.77
C ILE C 179 -16.46 26.74 -24.36
N GLU C 180 -16.35 27.78 -25.19
CA GLU C 180 -15.08 28.15 -25.78
C GLU C 180 -14.00 28.52 -24.74
N GLU C 181 -14.46 28.93 -23.57
CA GLU C 181 -13.56 29.32 -22.49
C GLU C 181 -12.78 28.09 -21.95
N LEU C 182 -13.24 26.86 -22.28
CA LEU C 182 -12.57 25.60 -21.87
C LEU C 182 -11.37 25.25 -22.79
N LEU C 183 -11.30 25.94 -23.93
CA LEU C 183 -10.24 25.77 -24.90
C LEU C 183 -8.97 26.55 -24.53
N PRO C 184 -7.82 26.07 -24.99
CA PRO C 184 -6.56 26.73 -24.68
C PRO C 184 -6.38 28.01 -25.45
N GLU C 185 -5.30 28.71 -25.11
CA GLU C 185 -4.59 29.58 -26.04
C GLU C 185 -4.21 28.93 -27.41
N ARG C 186 -4.22 29.80 -28.43
CA ARG C 186 -3.86 29.49 -29.79
C ARG C 186 -4.51 28.19 -30.27
N THR C 187 -5.84 28.14 -30.23
CA THR C 187 -6.51 26.99 -30.74
C THR C 187 -6.08 26.73 -32.18
N ALA C 188 -5.40 27.69 -32.85
CA ALA C 188 -5.00 27.41 -34.27
C ALA C 188 -4.00 26.27 -34.35
N GLU C 189 -3.30 26.00 -33.23
CA GLU C 189 -2.22 24.98 -33.24
C GLU C 189 -2.77 23.67 -32.69
N TYR C 190 -2.84 22.64 -33.52
CA TYR C 190 -3.48 21.38 -33.05
C TYR C 190 -2.82 20.25 -33.85
N TYR C 191 -3.02 19.06 -33.27
CA TYR C 191 -2.72 17.78 -33.93
C TYR C 191 -4.03 17.19 -34.47
N ARG C 192 -3.94 16.51 -35.61
CA ARG C 192 -5.14 15.93 -36.24
C ARG C 192 -4.81 14.54 -36.72
N TYR C 193 -5.72 13.60 -36.40
CA TYR C 193 -5.57 12.26 -37.02
C TYR C 193 -6.93 11.58 -36.97
N ARG C 194 -7.11 10.55 -37.79
CA ARG C 194 -8.30 9.69 -37.77
C ARG C 194 -8.11 8.58 -36.77
N GLY C 195 -9.06 8.47 -35.87
CA GLY C 195 -8.96 7.41 -34.87
C GLY C 195 -10.33 6.97 -34.44
N SER C 196 -10.45 6.65 -33.15
CA SER C 196 -11.66 5.91 -32.70
C SER C 196 -12.20 6.57 -31.44
N LEU C 197 -13.37 6.12 -31.03
CA LEU C 197 -13.78 6.39 -29.66
C LEU C 197 -12.75 5.72 -28.76
N THR C 198 -12.45 6.34 -27.62
CA THR C 198 -11.54 5.70 -26.67
C THR C 198 -12.27 4.93 -25.61
N THR C 199 -13.59 4.83 -25.75
CA THR C 199 -14.42 3.94 -24.95
C THR C 199 -15.20 3.02 -25.82
N PRO C 200 -15.71 1.90 -25.25
CA PRO C 200 -16.57 1.04 -26.03
C PRO C 200 -17.73 1.86 -26.59
N PRO C 201 -18.11 1.62 -27.83
CA PRO C 201 -17.69 0.47 -28.70
C PRO C 201 -16.41 0.64 -29.51
N CYS C 202 -15.67 1.75 -29.26
CA CYS C 202 -14.38 1.98 -29.89
C CYS C 202 -14.44 2.09 -31.39
N ASN C 203 -15.58 2.57 -31.92
CA ASN C 203 -15.71 2.57 -33.39
C ASN C 203 -14.66 3.54 -34.00
N PRO C 204 -14.09 3.12 -35.15
CA PRO C 204 -13.00 3.91 -35.75
C PRO C 204 -13.58 5.03 -36.61
N THR C 205 -14.35 5.91 -35.96
CA THR C 205 -15.21 6.86 -36.67
C THR C 205 -14.91 8.32 -36.24
N VAL C 206 -13.82 8.52 -35.46
CA VAL C 206 -13.57 9.81 -34.90
C VAL C 206 -12.43 10.59 -35.60
N LEU C 207 -12.76 11.80 -36.07
CA LEU C 207 -11.72 12.76 -36.45
C LEU C 207 -11.24 13.45 -35.22
N TRP C 208 -10.00 13.21 -34.82
CA TRP C 208 -9.45 13.81 -33.59
C TRP C 208 -8.76 15.10 -33.83
N THR C 209 -9.05 16.08 -33.00
CA THR C 209 -8.27 17.33 -32.97
C THR C 209 -7.81 17.52 -31.54
N VAL C 210 -6.48 17.47 -31.33
CA VAL C 210 -5.93 17.57 -30.00
C VAL C 210 -5.18 18.93 -29.97
N PHE C 211 -5.68 19.84 -29.18
CA PHE C 211 -4.98 21.11 -29.20
C PHE C 211 -3.52 21.00 -28.71
N ARG C 212 -2.63 21.77 -29.32
CA ARG C 212 -1.20 21.65 -28.98
C ARG C 212 -0.96 22.13 -27.53
N ASN C 213 -1.62 23.25 -27.16
CA ASN C 213 -1.36 23.87 -25.86
C ASN C 213 -2.34 23.42 -24.82
N PRO C 214 -1.84 23.05 -23.62
CA PRO C 214 -2.70 22.60 -22.56
C PRO C 214 -3.39 23.82 -21.91
N VAL C 215 -4.47 23.57 -21.20
CA VAL C 215 -4.98 24.56 -20.25
C VAL C 215 -4.43 24.19 -18.87
N GLN C 216 -4.54 25.17 -17.96
CA GLN C 216 -4.19 24.94 -16.55
C GLN C 216 -5.38 25.05 -15.67
N ILE C 217 -5.43 24.17 -14.69
CA ILE C 217 -6.33 24.26 -13.53
C ILE C 217 -5.52 24.21 -12.25
N SER C 218 -6.06 24.67 -11.11
CA SER C 218 -5.22 24.69 -9.98
C SER C 218 -5.09 23.30 -9.39
N GLN C 219 -4.08 23.16 -8.54
CA GLN C 219 -3.96 21.88 -7.84
C GLN C 219 -5.23 21.52 -7.08
N GLU C 220 -5.82 22.51 -6.40
CA GLU C 220 -7.14 22.33 -5.79
C GLU C 220 -8.22 21.83 -6.73
N GLN C 221 -8.32 22.43 -7.93
CA GLN C 221 -9.31 21.99 -8.93
C GLN C 221 -9.05 20.54 -9.31
N LEU C 222 -7.77 20.21 -9.56
CA LEU C 222 -7.39 18.91 -10.07
C LEU C 222 -7.72 17.89 -9.00
N LEU C 223 -7.37 18.20 -7.75
CA LEU C 223 -7.62 17.25 -6.68
C LEU C 223 -9.16 17.11 -6.46
N ALA C 224 -9.92 18.21 -6.62
CA ALA C 224 -11.40 18.14 -6.53
C ALA C 224 -11.93 17.16 -7.55
N LEU C 225 -11.49 17.28 -8.82
CA LEU C 225 -12.00 16.38 -9.86
C LEU C 225 -11.70 14.92 -9.55
N GLU C 226 -10.47 14.69 -9.10
CA GLU C 226 -10.03 13.31 -8.83
C GLU C 226 -10.70 12.64 -7.65
N THR C 227 -11.32 13.42 -6.77
CA THR C 227 -11.87 12.91 -5.53
C THR C 227 -13.38 13.11 -5.47
N ALA C 228 -13.97 13.75 -6.49
CA ALA C 228 -15.33 14.19 -6.38
C ALA C 228 -16.27 13.05 -6.63
N LEU C 229 -15.92 12.13 -7.54
CA LEU C 229 -16.92 11.22 -8.09
C LEU C 229 -16.66 9.80 -7.76
N TYR C 230 -17.78 9.10 -7.84
CA TYR C 230 -17.88 7.64 -7.73
C TYR C 230 -18.49 6.96 -8.94
N CYS C 231 -18.08 5.73 -9.25
CA CYS C 231 -18.67 5.03 -10.37
C CYS C 231 -19.71 4.06 -9.95
N THR C 232 -19.95 3.99 -8.64
CA THR C 232 -20.98 3.16 -8.07
C THR C 232 -22.21 4.05 -7.77
N HIS C 233 -23.37 3.39 -7.67
CA HIS C 233 -24.62 4.04 -7.26
C HIS C 233 -24.52 4.50 -5.83
N MET C 234 -25.20 5.59 -5.46
CA MET C 234 -25.20 6.10 -4.08
C MET C 234 -25.20 5.07 -2.92
N ASP C 235 -25.95 3.97 -3.06
CA ASP C 235 -26.09 3.03 -1.92
C ASP C 235 -25.50 1.62 -2.10
N ASP C 236 -24.63 1.46 -3.09
CA ASP C 236 -23.76 0.27 -3.22
C ASP C 236 -22.96 0.13 -1.92
N PRO C 237 -23.10 -1.03 -1.23
CA PRO C 237 -22.27 -1.29 -0.06
C PRO C 237 -20.73 -1.35 -0.32
N SER C 238 -20.30 -1.36 -1.59
CA SER C 238 -18.86 -1.27 -1.93
C SER C 238 -18.62 -0.12 -2.88
N PRO C 239 -18.48 1.11 -2.35
CA PRO C 239 -18.27 2.21 -3.28
C PRO C 239 -16.92 2.11 -3.97
N ARG C 240 -16.85 2.63 -5.19
CA ARG C 240 -15.56 2.78 -5.90
C ARG C 240 -15.41 4.18 -6.41
N GLU C 241 -14.25 4.77 -6.14
CA GLU C 241 -13.95 6.09 -6.59
C GLU C 241 -13.83 6.04 -8.13
N MET C 242 -14.24 7.13 -8.78
CA MET C 242 -14.09 7.21 -10.24
C MET C 242 -12.76 7.88 -10.42
N ILE C 243 -11.78 7.02 -10.73
CA ILE C 243 -10.35 7.43 -10.88
C ILE C 243 -9.80 6.62 -12.07
N ASN C 244 -8.76 7.19 -12.63
CA ASN C 244 -7.95 6.48 -13.71
C ASN C 244 -8.91 6.05 -14.82
N ASN C 245 -9.81 6.98 -15.23
CA ASN C 245 -10.84 6.60 -16.25
C ASN C 245 -10.34 7.00 -17.62
N PHE C 246 -9.19 6.47 -17.99
CA PHE C 246 -8.56 6.75 -19.31
C PHE C 246 -8.15 5.44 -19.90
N ARG C 247 -8.11 5.37 -21.20
CA ARG C 247 -7.56 4.19 -21.91
C ARG C 247 -6.07 4.32 -22.10
N GLN C 248 -5.34 3.21 -21.99
CA GLN C 248 -3.92 3.25 -22.34
C GLN C 248 -3.72 3.60 -23.80
N VAL C 249 -2.53 4.11 -24.12
CA VAL C 249 -2.24 4.45 -25.51
C VAL C 249 -2.18 3.19 -26.37
N GLN C 250 -2.56 3.31 -27.60
CA GLN C 250 -2.64 2.22 -28.56
C GLN C 250 -1.48 2.27 -29.49
N LYS C 251 -1.00 1.15 -30.01
CA LYS C 251 0.01 1.17 -31.07
C LYS C 251 -0.48 1.96 -32.25
N PHE C 252 0.47 2.66 -32.87
CA PHE C 252 0.16 3.60 -33.99
C PHE C 252 1.40 3.49 -34.88
N ASP C 253 1.35 2.64 -35.88
CA ASP C 253 2.55 2.33 -36.64
C ASP C 253 2.38 2.61 -38.11
N GLU C 254 3.43 3.13 -38.74
N GLU C 254 3.44 3.11 -38.72
CA GLU C 254 3.40 3.51 -40.15
CA GLU C 254 3.40 3.50 -40.13
C GLU C 254 2.29 4.52 -40.46
C GLU C 254 2.18 4.41 -40.39
N ARG C 255 1.98 5.35 -39.47
CA ARG C 255 0.97 6.39 -39.65
C ARG C 255 1.51 7.73 -39.19
N LEU C 256 0.87 8.79 -39.65
CA LEU C 256 1.30 10.16 -39.31
C LEU C 256 0.24 10.85 -38.45
N VAL C 257 0.62 11.83 -37.67
CA VAL C 257 -0.30 12.73 -37.06
C VAL C 257 0.00 14.07 -37.73
N TYR C 258 -1.05 14.73 -38.22
CA TYR C 258 -0.85 15.93 -39.00
C TYR C 258 -0.97 17.12 -38.07
N THR C 259 -0.15 18.15 -38.32
CA THR C 259 -0.11 19.27 -37.39
C THR C 259 -0.40 20.57 -38.15
N SER C 260 -1.14 21.47 -37.49
CA SER C 260 -1.45 22.76 -38.12
C SER C 260 -0.29 23.73 -37.92
N PHE C 261 0.72 23.27 -37.24
CA PHE C 261 1.83 24.12 -36.89
C PHE C 261 3.06 23.43 -37.37
N SER C 262 4.17 24.16 -37.47
CA SER C 262 5.44 23.50 -37.77
C SER C 262 6.39 23.71 -36.61
N GLN C 263 6.38 24.97 -36.19
CA GLN C 263 7.21 25.50 -35.11
C GLN C 263 6.40 25.71 -33.83
N LYS D 3 -2.74 -18.70 -32.32
CA LYS D 3 -2.60 -17.76 -33.47
C LYS D 3 -2.50 -16.31 -32.97
N TRP D 4 -2.27 -16.06 -31.65
CA TRP D 4 -2.17 -14.71 -31.16
C TRP D 4 -1.00 -14.02 -31.79
N THR D 5 -1.13 -12.71 -31.97
CA THR D 5 -0.05 -11.94 -32.59
C THR D 5 0.16 -10.62 -31.84
N TYR D 6 1.01 -9.77 -32.39
CA TYR D 6 1.16 -8.41 -31.91
C TYR D 6 0.53 -7.35 -32.81
N PHE D 7 -0.18 -7.76 -33.84
CA PHE D 7 -0.66 -6.81 -34.84
C PHE D 7 -1.84 -7.36 -35.54
N GLY D 8 -2.91 -6.54 -35.61
CA GLY D 8 -4.07 -6.92 -36.42
C GLY D 8 -5.12 -7.53 -35.56
N PRO D 9 -6.01 -8.29 -36.19
CA PRO D 9 -7.18 -8.76 -35.47
C PRO D 9 -6.90 -9.64 -34.27
N ASP D 10 -5.76 -10.34 -34.28
CA ASP D 10 -5.38 -11.21 -33.16
C ASP D 10 -4.33 -10.59 -32.24
N GLY D 11 -4.19 -9.28 -32.35
CA GLY D 11 -3.26 -8.51 -31.53
C GLY D 11 -3.73 -8.38 -30.08
N GLU D 12 -3.00 -7.56 -29.32
CA GLU D 12 -3.01 -7.65 -27.90
C GLU D 12 -4.35 -7.23 -27.31
N ASN D 13 -5.16 -6.37 -27.95
CA ASN D 13 -6.40 -6.05 -27.38
C ASN D 13 -7.45 -7.23 -27.48
N SER D 14 -7.08 -8.25 -28.23
CA SER D 14 -7.93 -9.45 -28.42
C SER D 14 -7.37 -10.63 -27.68
N TRP D 15 -6.27 -10.56 -27.00
CA TRP D 15 -5.68 -11.74 -26.39
C TRP D 15 -6.65 -12.29 -25.35
N SER D 16 -7.35 -11.41 -24.65
CA SER D 16 -8.25 -11.84 -23.56
C SER D 16 -9.41 -12.66 -24.02
N LYS D 17 -9.71 -12.66 -25.32
CA LYS D 17 -10.83 -13.50 -25.85
C LYS D 17 -10.47 -14.95 -25.63
N LYS D 18 -9.22 -15.38 -25.73
CA LYS D 18 -8.84 -16.74 -25.63
C LYS D 18 -8.04 -17.00 -24.35
N TYR D 19 -7.46 -15.96 -23.75
CA TYR D 19 -6.56 -16.13 -22.64
C TYR D 19 -7.09 -15.18 -21.55
N PRO D 20 -7.95 -15.68 -20.68
CA PRO D 20 -8.60 -14.77 -19.79
C PRO D 20 -7.67 -13.96 -18.85
N SER D 21 -6.54 -14.55 -18.46
CA SER D 21 -5.67 -13.79 -17.59
C SER D 21 -5.09 -12.54 -18.28
N CYS D 22 -5.12 -12.40 -19.61
CA CYS D 22 -4.62 -11.21 -20.25
C CYS D 22 -5.58 -10.04 -20.00
N GLY D 23 -6.82 -10.30 -19.51
CA GLY D 23 -7.76 -9.29 -19.05
C GLY D 23 -7.87 -9.23 -17.53
N GLY D 24 -6.99 -9.92 -16.82
CA GLY D 24 -7.05 -10.03 -15.37
C GLY D 24 -6.16 -9.02 -14.68
N LEU D 25 -5.87 -9.28 -13.40
CA LEU D 25 -5.06 -8.33 -12.63
C LEU D 25 -3.60 -8.58 -12.85
N LEU D 26 -2.83 -7.59 -12.37
CA LEU D 26 -1.38 -7.69 -12.20
C LEU D 26 -0.63 -7.86 -13.52
N GLN D 27 -1.15 -7.22 -14.56
CA GLN D 27 -0.50 -7.38 -15.86
C GLN D 27 0.77 -6.60 -16.05
N SER D 28 1.63 -7.15 -16.92
CA SER D 28 2.88 -6.49 -17.29
C SER D 28 2.90 -6.33 -18.82
N PRO D 29 3.70 -5.41 -19.34
CA PRO D 29 4.70 -4.56 -18.68
C PRO D 29 3.99 -3.32 -18.17
N ILE D 30 4.83 -2.44 -17.61
CA ILE D 30 4.32 -1.21 -16.97
C ILE D 30 5.37 -0.09 -17.23
N ASP D 31 4.84 1.12 -17.08
CA ASP D 31 5.74 2.32 -17.14
C ASP D 31 6.30 2.58 -15.75
N LEU D 32 7.61 2.62 -15.65
CA LEU D 32 8.31 2.83 -14.38
C LEU D 32 8.51 4.35 -14.26
N HIS D 33 7.75 5.03 -13.39
CA HIS D 33 7.83 6.49 -13.27
C HIS D 33 7.70 6.84 -11.79
N SER D 34 8.15 8.07 -11.46
CA SER D 34 8.46 8.40 -10.10
C SER D 34 7.21 8.23 -9.20
N ASP D 35 6.00 8.52 -9.62
CA ASP D 35 4.84 8.51 -8.69
C ASP D 35 4.63 7.16 -8.08
N ILE D 36 5.18 6.10 -8.73
CA ILE D 36 4.79 4.74 -8.28
C ILE D 36 5.97 3.98 -7.72
N LEU D 37 7.11 4.65 -7.60
CA LEU D 37 8.33 4.01 -7.09
C LEU D 37 8.39 4.20 -5.58
N GLN D 38 8.89 3.19 -4.89
CA GLN D 38 9.14 3.31 -3.47
C GLN D 38 10.34 2.53 -3.11
N TYR D 39 11.32 3.16 -2.44
CA TYR D 39 12.47 2.44 -1.99
C TYR D 39 12.14 1.35 -0.96
N ASP D 40 12.81 0.19 -1.11
CA ASP D 40 12.54 -0.89 -0.17
C ASP D 40 13.86 -1.48 0.21
N ALA D 41 14.20 -1.33 1.49
CA ALA D 41 15.51 -1.82 1.95
C ALA D 41 15.61 -3.34 1.99
N SER D 42 14.45 -4.01 1.83
CA SER D 42 14.47 -5.45 1.83
C SER D 42 15.00 -6.02 0.49
N LEU D 43 15.16 -5.14 -0.52
CA LEU D 43 15.61 -5.55 -1.85
C LEU D 43 17.10 -5.57 -1.99
N THR D 44 17.68 -6.71 -1.60
CA THR D 44 19.10 -6.90 -1.60
C THR D 44 19.58 -7.46 -2.91
N PRO D 45 20.90 -7.53 -3.10
CA PRO D 45 21.33 -7.89 -4.43
C PRO D 45 21.07 -9.33 -4.79
N LEU D 46 20.73 -9.55 -6.05
CA LEU D 46 20.56 -10.91 -6.53
C LEU D 46 21.96 -11.49 -6.82
N GLU D 47 22.02 -12.83 -6.69
CA GLU D 47 23.27 -13.48 -7.07
C GLU D 47 22.95 -14.41 -8.25
N PHE D 48 23.85 -14.36 -9.23
CA PHE D 48 23.63 -15.12 -10.52
C PHE D 48 24.56 -16.28 -10.50
N GLN D 49 24.00 -17.49 -10.34
CA GLN D 49 24.70 -18.74 -10.15
C GLN D 49 24.66 -19.55 -11.45
N GLY D 50 25.80 -20.07 -11.91
CA GLY D 50 25.77 -20.96 -13.10
C GLY D 50 25.45 -20.22 -14.38
N TYR D 51 25.66 -18.91 -14.41
CA TYR D 51 25.41 -18.12 -15.62
C TYR D 51 26.55 -18.26 -16.62
N ASN D 52 27.71 -18.73 -16.13
CA ASN D 52 28.85 -18.80 -17.00
C ASN D 52 28.84 -20.14 -17.77
N LEU D 53 28.19 -20.19 -18.92
CA LEU D 53 28.02 -21.44 -19.64
C LEU D 53 29.28 -21.78 -20.45
N SER D 54 29.61 -23.03 -20.47
CA SER D 54 30.76 -23.48 -21.19
C SER D 54 30.71 -23.29 -22.70
N ALA D 55 31.81 -22.83 -23.31
CA ALA D 55 31.95 -22.73 -24.76
C ALA D 55 31.90 -24.08 -25.44
N ASN D 56 32.18 -25.16 -24.71
CA ASN D 56 32.08 -26.50 -25.28
C ASN D 56 30.74 -27.18 -25.07
N LYS D 57 29.76 -26.46 -24.56
CA LYS D 57 28.43 -26.96 -24.46
C LYS D 57 27.63 -26.12 -25.45
N GLN D 58 26.49 -26.64 -25.92
N GLN D 58 26.49 -26.68 -25.86
CA GLN D 58 25.68 -25.83 -26.79
CA GLN D 58 25.65 -26.06 -26.84
C GLN D 58 24.24 -25.85 -26.41
C GLN D 58 24.27 -25.80 -26.24
N PHE D 59 23.61 -24.72 -26.68
CA PHE D 59 22.29 -24.35 -26.13
C PHE D 59 21.41 -24.05 -27.33
N LEU D 60 20.21 -24.52 -27.24
CA LEU D 60 19.27 -24.45 -28.33
C LEU D 60 18.59 -23.13 -28.48
N LEU D 61 18.75 -22.50 -29.65
CA LEU D 61 18.02 -21.29 -30.05
C LEU D 61 16.88 -21.72 -30.96
N THR D 62 15.68 -21.21 -30.69
CA THR D 62 14.50 -21.56 -31.46
C THR D 62 13.71 -20.27 -31.79
N ASN D 63 13.20 -20.24 -33.00
CA ASN D 63 12.19 -19.25 -33.37
C ASN D 63 10.90 -19.84 -33.08
N ASN D 64 10.18 -19.20 -32.17
CA ASN D 64 8.94 -19.88 -31.72
C ASN D 64 7.69 -19.19 -32.33
N GLY D 65 7.85 -18.32 -33.33
CA GLY D 65 6.67 -17.67 -33.86
C GLY D 65 6.37 -16.30 -33.20
N HIS D 66 7.05 -15.95 -32.07
CA HIS D 66 6.76 -14.72 -31.20
C HIS D 66 7.94 -13.93 -30.82
N SER D 67 9.09 -14.63 -30.66
CA SER D 67 10.44 -14.07 -30.35
C SER D 67 11.47 -15.10 -30.79
N VAL D 68 12.70 -14.78 -30.56
CA VAL D 68 13.73 -15.80 -30.71
C VAL D 68 14.03 -16.24 -29.22
N LYS D 69 14.07 -17.58 -28.82
CA LYS D 69 14.45 -17.92 -27.43
C LYS D 69 15.67 -18.84 -27.42
N LEU D 70 16.51 -18.61 -26.42
CA LEU D 70 17.65 -19.48 -26.13
C LEU D 70 17.33 -20.29 -24.89
N ASN D 71 17.36 -21.62 -24.99
CA ASN D 71 17.16 -22.46 -23.83
C ASN D 71 18.35 -22.40 -22.94
N LEU D 72 18.04 -22.42 -21.65
CA LEU D 72 19.04 -22.33 -20.61
C LEU D 72 18.96 -23.53 -19.69
N PRO D 73 20.10 -23.91 -19.09
CA PRO D 73 20.16 -25.07 -18.18
C PRO D 73 19.62 -24.77 -16.79
N SER D 74 18.87 -25.71 -16.17
CA SER D 74 18.30 -25.52 -14.85
C SER D 74 19.38 -25.35 -13.72
N ASP D 75 20.62 -25.74 -14.02
N ASP D 75 20.62 -25.73 -14.01
CA ASP D 75 21.75 -25.46 -13.12
CA ASP D 75 21.73 -25.46 -13.08
C ASP D 75 22.06 -23.95 -12.95
C ASP D 75 22.06 -23.96 -12.96
N MET D 76 21.62 -23.17 -13.93
CA MET D 76 21.78 -21.75 -13.85
C MET D 76 20.58 -21.20 -13.01
N HIS D 77 20.86 -20.35 -11.99
CA HIS D 77 19.82 -19.93 -11.13
C HIS D 77 20.10 -18.63 -10.49
N ILE D 78 19.06 -18.04 -9.89
CA ILE D 78 19.25 -16.85 -9.06
C ILE D 78 18.94 -17.21 -7.62
N GLN D 79 19.72 -16.52 -6.81
CA GLN D 79 19.48 -16.49 -5.39
C GLN D 79 19.18 -15.06 -4.85
N GLY D 80 18.27 -14.96 -3.86
CA GLY D 80 18.01 -13.67 -3.27
C GLY D 80 16.51 -13.45 -3.16
N LEU D 81 15.72 -14.36 -3.72
CA LEU D 81 14.26 -14.19 -3.60
C LEU D 81 13.73 -15.15 -2.54
N GLN D 82 12.40 -15.30 -2.48
CA GLN D 82 11.79 -16.11 -1.41
C GLN D 82 12.01 -17.60 -1.63
N SER D 83 12.38 -18.01 -2.86
CA SER D 83 12.62 -19.40 -3.25
C SER D 83 13.79 -19.40 -4.23
N ARG D 84 14.45 -20.52 -4.55
CA ARG D 84 15.41 -20.66 -5.69
C ARG D 84 14.63 -20.60 -7.02
N TYR D 85 15.07 -19.77 -7.95
CA TYR D 85 14.50 -19.69 -9.26
C TYR D 85 15.56 -20.17 -10.25
N SER D 86 15.23 -21.19 -11.00
CA SER D 86 16.14 -21.75 -11.98
C SER D 86 15.83 -21.26 -13.40
N ALA D 87 16.90 -21.03 -14.15
CA ALA D 87 16.68 -20.50 -15.52
C ALA D 87 16.04 -21.51 -16.44
N THR D 88 15.25 -20.98 -17.36
CA THR D 88 14.65 -21.81 -18.41
C THR D 88 14.94 -21.30 -19.81
N GLN D 89 14.89 -19.99 -20.04
CA GLN D 89 15.14 -19.50 -21.40
C GLN D 89 15.41 -18.02 -21.28
N LEU D 90 15.98 -17.45 -22.34
CA LEU D 90 15.97 -15.99 -22.51
C LEU D 90 15.45 -15.67 -23.94
N HIS D 91 14.95 -14.43 -24.10
CA HIS D 91 14.39 -14.00 -25.36
C HIS D 91 14.40 -12.48 -25.35
N LEU D 92 14.00 -11.94 -26.49
CA LEU D 92 14.01 -10.48 -26.62
C LEU D 92 12.69 -9.93 -27.18
N HIS D 93 12.51 -8.65 -27.05
CA HIS D 93 11.40 -7.87 -27.63
C HIS D 93 11.94 -6.70 -28.30
N TRP D 94 11.42 -6.29 -29.47
CA TRP D 94 11.99 -5.19 -30.24
C TRP D 94 10.90 -4.54 -31.10
N GLY D 95 11.30 -3.47 -31.76
CA GLY D 95 10.43 -2.71 -32.63
C GLY D 95 10.58 -3.06 -34.06
N ASN D 96 10.98 -2.04 -34.87
CA ASN D 96 11.18 -2.29 -36.29
C ASN D 96 12.07 -1.17 -36.82
N PRO D 97 12.54 -1.32 -38.08
CA PRO D 97 13.53 -0.35 -38.51
C PRO D 97 13.04 1.10 -38.51
N ASN D 98 11.73 1.34 -38.71
CA ASN D 98 11.22 2.73 -38.69
C ASN D 98 10.82 3.22 -37.30
N ASP D 99 10.88 2.32 -36.31
CA ASP D 99 10.55 2.71 -34.95
C ASP D 99 11.33 1.78 -34.04
N PRO D 100 12.59 2.08 -33.80
CA PRO D 100 13.49 1.15 -33.04
C PRO D 100 13.29 1.48 -31.56
N HIS D 101 12.04 1.26 -31.08
CA HIS D 101 11.65 1.62 -29.69
C HIS D 101 10.70 0.57 -29.19
N GLY D 102 11.19 -0.65 -29.03
CA GLY D 102 10.34 -1.82 -28.79
C GLY D 102 10.62 -2.47 -27.47
N SER D 103 11.17 -1.79 -26.48
CA SER D 103 11.12 -2.36 -25.14
C SER D 103 9.66 -2.54 -24.66
N GLU D 104 9.50 -3.45 -23.74
CA GLU D 104 8.21 -3.62 -23.09
C GLU D 104 7.95 -2.68 -21.92
N HIS D 105 8.86 -2.71 -20.94
CA HIS D 105 8.87 -1.70 -19.93
C HIS D 105 9.33 -0.37 -20.49
N THR D 106 8.72 0.70 -19.94
CA THR D 106 9.18 2.03 -20.28
C THR D 106 9.64 2.69 -19.00
N VAL D 107 10.46 3.75 -19.18
CA VAL D 107 10.88 4.50 -17.97
C VAL D 107 10.51 5.96 -18.21
N SER D 108 9.70 6.50 -17.30
CA SER D 108 9.20 7.93 -17.46
C SER D 108 8.71 8.15 -18.87
N GLY D 109 7.87 7.21 -19.30
CA GLY D 109 7.16 7.32 -20.55
C GLY D 109 7.97 7.03 -21.79
N GLN D 110 9.22 6.59 -21.65
CA GLN D 110 10.13 6.39 -22.76
C GLN D 110 10.44 4.94 -22.99
N HIS D 111 10.21 4.42 -24.21
CA HIS D 111 10.73 3.13 -24.59
C HIS D 111 12.20 3.14 -24.75
N PHE D 112 12.83 2.05 -24.50
CA PHE D 112 14.13 1.75 -24.98
C PHE D 112 14.04 1.02 -26.32
N ALA D 113 15.18 0.77 -26.98
CA ALA D 113 15.21 0.15 -28.32
C ALA D 113 14.63 -1.28 -28.24
N ALA D 114 15.06 -2.05 -27.22
CA ALA D 114 14.65 -3.50 -27.18
C ALA D 114 14.76 -3.85 -25.66
N GLU D 115 14.40 -5.12 -25.39
CA GLU D 115 14.44 -5.56 -24.00
C GLU D 115 14.77 -7.04 -24.03
N LEU D 116 15.64 -7.46 -23.14
CA LEU D 116 15.99 -8.88 -22.89
C LEU D 116 15.31 -9.40 -21.69
N HIS D 117 14.70 -10.60 -21.79
CA HIS D 117 14.11 -11.24 -20.61
C HIS D 117 14.78 -12.56 -20.36
N ILE D 118 15.22 -12.75 -19.14
CA ILE D 118 15.82 -14.03 -18.73
C ILE D 118 14.84 -14.67 -17.77
N VAL D 119 14.16 -15.71 -18.25
CA VAL D 119 13.05 -16.31 -17.53
C VAL D 119 13.54 -17.46 -16.63
N HIS D 120 13.04 -17.40 -15.39
CA HIS D 120 13.37 -18.44 -14.41
C HIS D 120 12.08 -18.94 -13.79
N TYR D 121 12.10 -20.20 -13.26
CA TYR D 121 10.92 -20.76 -12.65
C TYR D 121 11.28 -21.20 -11.20
N ASN D 122 10.24 -21.30 -10.39
CA ASN D 122 10.36 -21.65 -8.98
C ASN D 122 10.58 -23.13 -8.87
N SER D 123 11.83 -23.51 -8.85
CA SER D 123 12.17 -24.91 -8.81
C SER D 123 12.10 -25.50 -7.39
N ASP D 124 11.85 -24.65 -6.36
CA ASP D 124 11.52 -25.24 -5.07
C ASP D 124 10.10 -25.81 -5.07
N LEU D 125 9.19 -25.24 -5.85
CA LEU D 125 7.78 -25.64 -5.85
C LEU D 125 7.41 -26.54 -7.01
N TYR D 126 8.10 -26.35 -8.18
CA TYR D 126 7.62 -26.88 -9.43
C TYR D 126 8.73 -27.65 -10.14
N PRO D 127 8.31 -28.68 -10.90
CA PRO D 127 9.35 -29.50 -11.54
C PRO D 127 9.94 -28.88 -12.82
N ASP D 128 9.28 -27.88 -13.37
CA ASP D 128 9.65 -27.37 -14.64
C ASP D 128 8.88 -26.05 -14.89
N ALA D 129 9.31 -25.30 -15.91
CA ALA D 129 8.75 -23.97 -16.16
C ALA D 129 7.31 -23.99 -16.61
N SER D 130 6.96 -24.97 -17.47
N SER D 130 6.95 -24.97 -17.47
CA SER D 130 5.61 -25.01 -17.98
CA SER D 130 5.58 -25.05 -17.94
C SER D 130 4.59 -25.28 -16.83
C SER D 130 4.62 -25.20 -16.76
N THR D 131 4.97 -26.13 -15.88
CA THR D 131 4.10 -26.44 -14.72
C THR D 131 4.01 -25.17 -13.79
N ALA D 132 5.14 -24.48 -13.67
CA ALA D 132 5.23 -23.31 -12.79
C ALA D 132 4.45 -22.10 -13.35
N SER D 133 4.32 -22.02 -14.68
CA SER D 133 3.95 -20.77 -15.32
C SER D 133 2.60 -20.26 -14.91
N ASN D 134 1.68 -21.21 -14.58
CA ASN D 134 0.30 -20.79 -14.19
C ASN D 134 0.00 -20.92 -12.72
N LYS D 135 1.04 -21.00 -11.90
CA LYS D 135 0.85 -21.31 -10.49
C LYS D 135 1.53 -20.32 -9.61
N SER D 136 1.03 -20.21 -8.39
N SER D 136 1.05 -20.20 -8.37
CA SER D 136 1.51 -19.24 -7.43
CA SER D 136 1.54 -19.23 -7.41
C SER D 136 3.03 -19.16 -7.32
C SER D 136 3.03 -19.15 -7.33
N GLU D 137 3.56 -17.95 -7.41
CA GLU D 137 4.99 -17.72 -7.24
C GLU D 137 5.83 -18.42 -8.34
N GLY D 138 5.23 -18.76 -9.47
CA GLY D 138 5.86 -19.69 -10.40
C GLY D 138 7.11 -19.14 -11.08
N LEU D 139 7.16 -17.84 -11.42
CA LEU D 139 8.24 -17.36 -12.33
C LEU D 139 8.93 -16.10 -11.76
N ALA D 140 10.16 -15.95 -12.19
CA ALA D 140 10.90 -14.68 -11.90
C ALA D 140 11.59 -14.37 -13.19
N VAL D 141 11.40 -13.14 -13.70
CA VAL D 141 12.05 -12.74 -14.94
C VAL D 141 13.03 -11.55 -14.65
N LEU D 142 14.19 -11.60 -15.25
CA LEU D 142 15.10 -10.48 -15.23
C LEU D 142 14.95 -9.76 -16.52
N ALA D 143 14.78 -8.43 -16.43
CA ALA D 143 14.67 -7.63 -17.67
C ALA D 143 15.79 -6.63 -17.77
N VAL D 144 16.45 -6.66 -18.95
CA VAL D 144 17.52 -5.70 -19.27
C VAL D 144 16.97 -4.82 -20.38
N LEU D 145 17.00 -3.51 -20.13
CA LEU D 145 16.60 -2.52 -21.12
C LEU D 145 17.76 -2.32 -22.05
N ILE D 146 17.52 -2.22 -23.36
CA ILE D 146 18.56 -2.15 -24.36
C ILE D 146 18.42 -0.89 -25.14
N GLU D 147 19.44 -0.02 -25.16
N GLU D 147 19.58 -0.20 -25.26
CA GLU D 147 19.34 1.26 -25.89
CA GLU D 147 19.67 1.08 -25.92
C GLU D 147 20.35 1.14 -27.05
C GLU D 147 20.50 1.04 -27.18
N MET D 148 20.09 1.83 -28.16
CA MET D 148 20.94 1.96 -29.28
C MET D 148 22.24 2.71 -28.90
N GLY D 149 23.38 2.06 -29.16
CA GLY D 149 24.64 2.65 -28.72
C GLY D 149 25.80 1.87 -29.40
N SER D 150 26.81 1.44 -28.61
CA SER D 150 27.97 0.78 -29.12
C SER D 150 27.61 -0.67 -29.43
N PHE D 151 28.37 -1.21 -30.38
CA PHE D 151 28.36 -2.65 -30.69
C PHE D 151 28.62 -3.43 -29.42
N ASN D 152 27.88 -4.51 -29.25
CA ASN D 152 27.93 -5.32 -28.08
C ASN D 152 28.36 -6.74 -28.44
N PRO D 153 29.62 -7.12 -28.21
CA PRO D 153 30.12 -8.43 -28.67
C PRO D 153 29.36 -9.56 -27.97
N SER D 154 28.88 -9.33 -26.76
CA SER D 154 28.28 -10.40 -26.00
C SER D 154 26.91 -10.69 -26.59
N TYR D 155 26.08 -9.64 -26.87
CA TYR D 155 24.81 -9.88 -27.53
C TYR D 155 25.00 -10.44 -28.90
N ASP D 156 26.06 -10.09 -29.59
CA ASP D 156 26.36 -10.69 -30.88
C ASP D 156 26.53 -12.24 -30.82
N LYS D 157 26.86 -12.79 -29.61
CA LYS D 157 27.01 -14.23 -29.49
C LYS D 157 25.68 -14.94 -29.72
N ILE D 158 24.55 -14.21 -29.50
CA ILE D 158 23.20 -14.64 -29.86
C ILE D 158 22.93 -14.20 -31.28
N PHE D 159 23.12 -12.91 -31.58
CA PHE D 159 22.60 -12.38 -32.81
C PHE D 159 23.25 -12.96 -34.07
N SER D 160 24.47 -13.44 -33.97
CA SER D 160 25.10 -14.03 -35.14
C SER D 160 24.40 -15.26 -35.64
N HIS D 161 23.60 -15.89 -34.82
CA HIS D 161 22.88 -17.11 -35.19
C HIS D 161 21.53 -16.85 -35.75
N LEU D 162 21.04 -15.59 -35.80
CA LEU D 162 19.64 -15.30 -36.19
C LEU D 162 19.25 -15.83 -37.52
N GLN D 163 20.15 -15.80 -38.49
CA GLN D 163 19.79 -16.28 -39.81
C GLN D 163 19.42 -17.77 -39.87
N HIS D 164 19.84 -18.55 -38.86
CA HIS D 164 19.53 -19.98 -38.78
C HIS D 164 18.23 -20.31 -38.11
N VAL D 165 17.54 -19.31 -37.53
CA VAL D 165 16.25 -19.48 -36.94
C VAL D 165 15.24 -18.47 -37.54
N LYS D 166 15.39 -18.19 -38.81
CA LYS D 166 14.55 -17.17 -39.44
C LYS D 166 13.04 -17.50 -39.35
N TYR D 167 12.64 -18.76 -39.46
CA TYR D 167 11.20 -19.11 -39.55
C TYR D 167 10.75 -19.92 -38.35
N LYS D 168 9.46 -19.85 -38.10
CA LYS D 168 8.85 -20.56 -37.03
C LYS D 168 9.25 -22.02 -37.09
N GLY D 169 9.68 -22.57 -35.96
CA GLY D 169 10.08 -23.96 -35.92
C GLY D 169 11.55 -24.27 -36.18
N GLN D 170 12.29 -23.33 -36.77
CA GLN D 170 13.72 -23.52 -36.96
C GLN D 170 14.47 -23.40 -35.63
N GLU D 171 15.59 -24.12 -35.59
CA GLU D 171 16.40 -24.27 -34.39
C GLU D 171 17.89 -24.23 -34.76
N ALA D 172 18.75 -23.72 -33.88
CA ALA D 172 20.19 -23.68 -34.14
C ALA D 172 20.87 -23.78 -32.77
N PHE D 173 22.06 -24.32 -32.73
CA PHE D 173 22.82 -24.47 -31.48
C PHE D 173 23.81 -23.27 -31.37
N VAL D 174 23.85 -22.73 -30.16
CA VAL D 174 24.68 -21.60 -29.78
C VAL D 174 25.67 -22.15 -28.73
N PRO D 175 26.96 -22.01 -29.01
CA PRO D 175 27.94 -22.34 -27.96
C PRO D 175 27.76 -21.49 -26.69
N GLY D 176 27.98 -22.09 -25.53
CA GLY D 176 27.85 -21.38 -24.30
C GLY D 176 28.71 -20.16 -24.19
N PHE D 177 28.23 -19.21 -23.40
CA PHE D 177 29.04 -18.06 -23.08
C PHE D 177 28.48 -17.58 -21.71
N ASN D 178 29.15 -16.58 -21.11
CA ASN D 178 28.78 -16.09 -19.80
C ASN D 178 27.58 -15.19 -19.99
N ILE D 179 26.41 -15.69 -19.61
CA ILE D 179 25.15 -14.93 -19.70
C ILE D 179 25.23 -13.63 -18.89
N GLU D 180 26.04 -13.58 -17.83
N GLU D 180 26.03 -13.59 -17.82
CA GLU D 180 26.16 -12.33 -17.07
CA GLU D 180 26.18 -12.34 -17.06
C GLU D 180 26.71 -11.18 -17.94
C GLU D 180 26.71 -11.18 -17.94
N GLU D 181 27.37 -11.51 -19.06
CA GLU D 181 27.84 -10.48 -19.96
C GLU D 181 26.63 -9.70 -20.60
N LEU D 182 25.43 -10.28 -20.56
CA LEU D 182 24.23 -9.57 -21.07
C LEU D 182 23.63 -8.58 -20.10
N LEU D 183 24.03 -8.63 -18.80
CA LEU D 183 23.47 -7.79 -17.80
C LEU D 183 24.21 -6.46 -17.77
N PRO D 184 23.49 -5.45 -17.30
CA PRO D 184 24.11 -4.11 -17.23
C PRO D 184 24.97 -3.90 -16.04
N GLU D 185 25.52 -2.68 -15.99
CA GLU D 185 26.27 -2.21 -14.84
C GLU D 185 25.33 -2.12 -13.56
N ARG D 186 25.93 -2.41 -12.40
CA ARG D 186 25.30 -2.09 -11.13
C ARG D 186 23.96 -2.84 -11.06
N THR D 187 24.07 -4.14 -11.21
CA THR D 187 22.87 -4.96 -11.07
C THR D 187 22.20 -4.88 -9.69
N ALA D 188 22.87 -4.34 -8.63
CA ALA D 188 22.21 -4.24 -7.34
C ALA D 188 21.10 -3.19 -7.40
N GLU D 189 21.12 -2.33 -8.45
CA GLU D 189 20.09 -1.28 -8.62
C GLU D 189 19.00 -1.80 -9.58
N TYR D 190 17.80 -1.92 -9.08
CA TYR D 190 16.73 -2.51 -9.87
C TYR D 190 15.38 -2.09 -9.37
N TYR D 191 14.40 -2.25 -10.25
CA TYR D 191 13.01 -2.13 -9.94
C TYR D 191 12.42 -3.55 -9.75
N ARG D 192 11.51 -3.68 -8.81
CA ARG D 192 10.90 -5.00 -8.57
C ARG D 192 9.43 -4.81 -8.40
N TYR D 193 8.63 -5.68 -9.04
CA TYR D 193 7.16 -5.62 -8.80
C TYR D 193 6.55 -6.99 -9.15
N ARG D 194 5.34 -7.20 -8.73
CA ARG D 194 4.63 -8.42 -9.05
C ARG D 194 3.78 -8.19 -10.27
N GLY D 195 3.99 -9.00 -11.29
CA GLY D 195 3.27 -8.86 -12.53
C GLY D 195 2.99 -10.20 -13.20
N SER D 196 3.07 -10.17 -14.52
CA SER D 196 2.59 -11.28 -15.33
C SER D 196 3.52 -11.62 -16.43
N LEU D 197 3.22 -12.72 -17.10
CA LEU D 197 3.83 -12.91 -18.42
C LEU D 197 3.27 -11.78 -19.31
N THR D 198 4.18 -11.23 -20.20
CA THR D 198 3.74 -10.21 -21.13
C THR D 198 3.19 -10.74 -22.41
N THR D 199 3.11 -12.06 -22.50
CA THR D 199 2.55 -12.74 -23.66
C THR D 199 1.46 -13.67 -23.11
N PRO D 200 0.48 -14.06 -23.97
CA PRO D 200 -0.50 -15.09 -23.62
C PRO D 200 0.30 -16.28 -23.08
N PRO D 201 -0.23 -16.95 -22.01
CA PRO D 201 -1.52 -16.69 -21.39
C PRO D 201 -1.58 -15.60 -20.35
N CYS D 202 -0.49 -14.81 -20.19
CA CYS D 202 -0.50 -13.57 -19.35
C CYS D 202 -0.71 -13.89 -17.86
N ASN D 203 -0.28 -15.08 -17.42
CA ASN D 203 -0.59 -15.45 -16.03
C ASN D 203 0.09 -14.52 -15.11
N PRO D 204 -0.58 -14.14 -13.99
CA PRO D 204 -0.03 -13.16 -13.08
C PRO D 204 0.89 -13.80 -12.06
N THR D 205 1.94 -14.46 -12.54
CA THR D 205 2.80 -15.34 -11.78
C THR D 205 4.24 -14.95 -11.79
N VAL D 206 4.54 -13.70 -12.25
CA VAL D 206 5.90 -13.28 -12.45
C VAL D 206 6.33 -12.24 -11.46
N LEU D 207 7.42 -12.54 -10.78
CA LEU D 207 8.18 -11.56 -10.01
C LEU D 207 9.19 -10.87 -10.90
N TRP D 208 8.93 -9.62 -11.24
CA TRP D 208 9.78 -8.88 -12.23
C TRP D 208 10.90 -8.17 -11.55
N THR D 209 12.13 -8.33 -12.11
CA THR D 209 13.21 -7.51 -11.71
C THR D 209 13.69 -6.82 -12.99
N VAL D 210 13.63 -5.46 -13.02
CA VAL D 210 14.03 -4.70 -14.19
C VAL D 210 15.27 -3.90 -13.75
N PHE D 211 16.41 -4.21 -14.33
CA PHE D 211 17.59 -3.46 -13.89
C PHE D 211 17.49 -1.98 -14.24
N ARG D 212 18.03 -1.16 -13.33
CA ARG D 212 17.97 0.28 -13.54
C ARG D 212 18.74 0.75 -14.74
N ASN D 213 19.88 0.15 -14.99
CA ASN D 213 20.72 0.64 -16.07
C ASN D 213 20.53 -0.17 -17.33
N PRO D 214 20.49 0.47 -18.48
CA PRO D 214 20.41 -0.24 -19.75
C PRO D 214 21.76 -0.80 -20.21
N VAL D 215 21.76 -1.69 -21.21
CA VAL D 215 22.95 -2.02 -21.98
C VAL D 215 22.81 -1.37 -23.33
N GLN D 216 23.88 -1.39 -24.14
CA GLN D 216 23.84 -0.86 -25.49
C GLN D 216 24.08 -1.95 -26.48
N ILE D 217 23.41 -1.88 -27.63
CA ILE D 217 23.81 -2.65 -28.81
C ILE D 217 23.82 -1.66 -29.97
N SER D 218 24.48 -1.99 -31.06
CA SER D 218 24.54 -1.04 -32.11
C SER D 218 23.31 -0.90 -32.98
N GLN D 219 23.22 0.14 -33.74
CA GLN D 219 22.17 0.27 -34.73
C GLN D 219 22.18 -0.89 -35.72
N GLU D 220 23.37 -1.36 -36.12
CA GLU D 220 23.47 -2.43 -37.07
C GLU D 220 22.95 -3.70 -36.40
N GLN D 221 23.24 -3.94 -35.10
CA GLN D 221 22.72 -5.12 -34.41
C GLN D 221 21.23 -4.99 -34.30
N LEU D 222 20.68 -3.86 -33.94
CA LEU D 222 19.23 -3.69 -33.86
C LEU D 222 18.56 -3.91 -35.23
N LEU D 223 19.13 -3.42 -36.32
CA LEU D 223 18.54 -3.55 -37.63
C LEU D 223 18.56 -5.01 -37.99
N ALA D 224 19.64 -5.73 -37.66
CA ALA D 224 19.72 -7.15 -38.00
C ALA D 224 18.64 -7.91 -37.21
N LEU D 225 18.46 -7.65 -35.93
CA LEU D 225 17.42 -8.27 -35.08
C LEU D 225 16.06 -7.96 -35.64
N GLU D 226 15.83 -6.73 -36.08
CA GLU D 226 14.55 -6.28 -36.55
C GLU D 226 14.19 -6.77 -37.94
N THR D 227 15.11 -7.36 -38.63
CA THR D 227 14.84 -7.79 -39.98
C THR D 227 15.17 -9.28 -40.20
N ALA D 228 15.63 -9.99 -39.16
CA ALA D 228 16.13 -11.37 -39.34
C ALA D 228 14.98 -12.44 -39.25
N LEU D 229 13.87 -12.11 -38.59
CA LEU D 229 13.02 -13.20 -38.15
C LEU D 229 11.61 -12.99 -38.69
N TYR D 230 10.93 -14.15 -38.85
CA TYR D 230 9.49 -14.29 -39.23
C TYR D 230 8.73 -15.03 -38.17
N CYS D 231 7.46 -14.65 -38.01
CA CYS D 231 6.58 -15.40 -37.14
C CYS D 231 6.03 -16.63 -37.74
N THR D 232 6.11 -16.71 -39.07
CA THR D 232 5.44 -17.78 -39.82
C THR D 232 6.45 -18.88 -40.23
N HIS D 233 5.91 -20.06 -40.57
CA HIS D 233 6.71 -21.11 -41.08
C HIS D 233 7.21 -20.72 -42.41
N MET D 234 8.33 -21.32 -42.80
CA MET D 234 8.97 -21.01 -44.07
C MET D 234 8.07 -21.10 -45.29
N ASP D 235 7.15 -22.04 -45.22
N ASP D 235 7.18 -22.07 -45.34
CA ASP D 235 6.24 -22.32 -46.33
CA ASP D 235 6.32 -22.14 -46.52
C ASP D 235 4.93 -21.54 -46.34
C ASP D 235 4.87 -21.66 -46.25
N ASP D 236 4.67 -20.69 -45.34
CA ASP D 236 3.40 -19.97 -45.25
C ASP D 236 3.23 -19.08 -46.43
N PRO D 237 2.11 -19.19 -47.14
CA PRO D 237 1.89 -18.20 -48.26
C PRO D 237 1.61 -16.77 -47.80
N SER D 238 1.46 -16.57 -46.49
CA SER D 238 1.18 -15.28 -45.94
C SER D 238 2.24 -14.94 -44.90
N PRO D 239 3.49 -14.67 -45.32
CA PRO D 239 4.53 -14.50 -44.28
C PRO D 239 4.30 -13.26 -43.39
N ARG D 240 4.76 -13.35 -42.15
CA ARG D 240 4.64 -12.20 -41.26
C ARG D 240 5.99 -12.01 -40.61
N GLU D 241 6.59 -10.81 -40.74
CA GLU D 241 7.80 -10.46 -40.06
C GLU D 241 7.61 -10.42 -38.54
N MET D 242 8.65 -10.81 -37.81
CA MET D 242 8.67 -10.72 -36.35
C MET D 242 9.21 -9.36 -35.99
N ILE D 243 8.32 -8.38 -35.88
CA ILE D 243 8.65 -7.00 -35.58
C ILE D 243 7.60 -6.52 -34.59
N ASN D 244 7.96 -5.49 -33.81
CA ASN D 244 7.06 -4.87 -32.91
C ASN D 244 6.42 -5.87 -31.92
N ASN D 245 7.26 -6.76 -31.41
CA ASN D 245 6.76 -7.88 -30.61
C ASN D 245 6.86 -7.52 -29.12
N PHE D 246 6.23 -6.38 -28.80
CA PHE D 246 6.17 -5.91 -27.42
C PHE D 246 4.69 -5.56 -27.08
N ARG D 247 4.29 -5.81 -25.85
CA ARG D 247 3.00 -5.43 -25.39
C ARG D 247 3.01 -4.00 -24.90
N GLN D 248 1.94 -3.25 -25.12
CA GLN D 248 1.81 -1.89 -24.51
C GLN D 248 1.83 -2.01 -23.01
N VAL D 249 2.20 -0.93 -22.34
CA VAL D 249 2.12 -0.87 -20.91
C VAL D 249 0.70 -0.96 -20.38
N GLN D 250 0.60 -1.48 -19.18
CA GLN D 250 -0.67 -1.81 -18.51
C GLN D 250 -1.00 -0.87 -17.42
N LYS D 251 -2.27 -0.71 -17.07
CA LYS D 251 -2.66 -0.01 -15.84
C LYS D 251 -1.96 -0.60 -14.64
N PHE D 252 -1.54 0.27 -13.76
CA PHE D 252 -0.88 -0.13 -12.53
C PHE D 252 -1.29 0.85 -11.45
N ASP D 253 -2.46 0.66 -10.86
CA ASP D 253 -2.96 1.55 -9.82
C ASP D 253 -3.19 0.58 -8.73
N GLU D 254 -3.01 1.06 -7.54
CA GLU D 254 -2.84 0.07 -6.55
C GLU D 254 -1.38 -0.34 -6.69
N ARG D 255 -0.86 -1.06 -7.75
CA ARG D 255 0.45 -1.59 -7.42
C ARG D 255 1.50 -0.37 -7.19
N LEU D 256 2.54 -0.64 -6.38
CA LEU D 256 3.79 0.10 -6.35
C LEU D 256 4.92 -0.77 -6.94
N VAL D 257 5.96 -0.06 -7.38
CA VAL D 257 7.18 -0.68 -7.89
C VAL D 257 8.18 -0.34 -6.83
N TYR D 258 8.81 -1.36 -6.28
CA TYR D 258 9.78 -1.18 -5.27
C TYR D 258 11.17 -1.08 -5.85
N THR D 259 12.01 -0.19 -5.32
CA THR D 259 13.34 0.00 -5.86
C THR D 259 14.42 -0.32 -4.87
N SER D 260 15.59 -0.75 -5.37
CA SER D 260 16.71 -1.00 -4.46
C SER D 260 17.63 0.22 -4.37
N PHE D 261 17.19 1.34 -4.93
CA PHE D 261 17.96 2.57 -4.98
C PHE D 261 17.07 3.73 -4.68
N SER D 262 17.69 4.80 -4.19
CA SER D 262 17.02 6.12 -4.15
C SER D 262 17.87 7.16 -4.84
ZN ZN E . -13.01 8.12 21.78
C1 EDO F . 3.56 20.68 25.41
O1 EDO F . 3.25 19.28 25.14
C2 EDO F . 3.14 21.63 24.27
O2 EDO F . 2.15 22.55 24.72
O20 V13 G . -20.70 7.82 17.91
S15 V13 G . -20.30 6.39 18.47
O19 V13 G . -20.83 6.05 19.85
C16 V13 G . -20.91 5.25 17.28
C17 V13 G . -22.22 5.68 16.62
O18 V13 G . -23.27 5.11 17.32
C1 V13 G . -18.52 6.38 18.78
C6 V13 G . -17.81 6.14 19.98
F11 V13 G . -18.45 5.75 21.11
C5 V13 G . -16.43 6.23 20.10
F12 V13 G . -15.89 6.01 21.30
C4 V13 G . -15.71 6.59 18.99
S7 V13 G . -13.95 7.01 19.13
O9 V13 G . -14.02 8.46 18.93
N10 V13 G . -13.35 6.64 20.52
O8 V13 G . -13.30 6.27 18.07
C3 V13 G . -16.37 6.87 17.81
F13 V13 G . -15.68 7.19 16.73
C2 V13 G . -17.74 6.69 17.68
F14 V13 G . -18.25 6.93 16.44
ZN ZN H . 10.07 -14.13 23.11
C1 PEG I . 15.80 2.99 21.44
O1 PEG I . 15.15 3.09 20.14
C2 PEG I . 14.93 3.30 22.64
O2 PEG I . 15.46 4.41 23.46
C3 PEG I . 15.32 4.28 24.88
C4 PEG I . 13.88 4.58 25.31
O4 PEG I . 13.75 5.06 26.62
C1 EDO J . -4.12 -0.87 33.13
O1 EDO J . -3.74 0.46 32.85
C2 EDO J . -5.57 -0.76 33.59
O2 EDO J . -6.34 -1.50 32.76
C1 EDO K . 19.00 3.85 31.17
O1 EDO K . 18.05 3.01 31.93
C2 EDO K . 20.51 3.54 31.20
O2 EDO K . 21.04 2.74 30.07
O20 V13 L . 6.38 -22.13 26.36
O20 V13 L . 8.24 -22.36 23.67
S15 V13 L . 6.18 -21.63 24.91
S15 V13 L . 8.25 -21.79 25.12
O19 V13 L . 7.18 -22.56 24.18
O19 V13 L . 6.90 -22.29 25.64
C16 V13 L . 4.60 -22.17 24.32
C16 V13 L . 9.34 -22.91 26.06
C17 V13 L . 3.97 -22.89 25.50
C17 V13 L . 8.58 -24.05 26.76
O18 V13 L . 3.05 -23.79 25.00
O18 V13 L . 7.49 -24.58 26.01
C1 V13 L . 6.81 -19.94 24.94
C1 V13 L . 8.19 -19.97 24.97
C6 V13 L . 8.03 -19.61 25.48
C6 V13 L . 8.05 -19.14 23.82
F11 V13 L . 8.83 -20.53 26.04
F11 V13 L . 7.90 -19.67 22.59
C5 V13 L . 8.50 -18.34 25.50
C5 V13 L . 8.08 -17.76 23.90
F12 V13 L . 9.66 -18.26 26.10
F12 V13 L . 7.90 -16.96 22.77
C4 V13 L . 7.76 -17.27 24.99
C4 V13 L . 8.27 -17.19 25.18
S7 V13 L . 8.44 -15.61 25.01
S7 V13 L . 8.41 -15.44 25.45
O9 V13 L . 9.78 -15.81 25.57
O9 V13 L . 9.81 -15.30 25.91
N10 V13 L . 8.92 -14.97 23.44
N10 V13 L . 8.22 -14.63 23.97
O8 V13 L . 7.63 -14.95 26.10
O8 V13 L . 7.26 -15.12 26.34
C3 V13 L . 6.53 -17.60 24.47
C3 V13 L . 8.42 -17.99 26.31
F13 V13 L . 5.83 -16.58 23.99
F13 V13 L . 8.49 -17.45 27.56
C2 V13 L . 6.04 -18.90 24.43
C2 V13 L . 8.34 -19.35 26.22
F14 V13 L . 4.84 -19.17 23.89
F14 V13 L . 8.42 -20.05 27.37
ZN ZN M . -13.28 10.91 -23.90
O20 V13 N . -20.92 10.49 -27.51
S15 V13 N . -20.60 8.99 -27.20
O19 V13 N . -21.16 8.76 -25.80
C16 V13 N . -21.53 8.04 -28.46
C17 V13 N . -23.02 8.28 -28.77
O18 V13 N . -23.81 7.17 -28.42
C1 V13 N . -18.81 9.10 -26.92
C6 V13 N . -18.13 8.87 -25.69
F11 V13 N . -18.83 8.46 -24.63
C5 V13 N . -16.73 8.97 -25.57
F12 V13 N . -16.23 8.71 -24.37
C4 V13 N . -16.01 9.39 -26.64
S7 V13 N . -14.28 9.78 -26.57
O9 V13 N . -14.35 11.23 -26.73
N10 V13 N . -13.60 9.37 -25.18
O8 V13 N . -13.69 9.03 -27.63
C3 V13 N . -16.69 9.66 -27.87
F13 V13 N . -15.99 10.02 -28.96
C2 V13 N . -18.04 9.46 -27.99
F14 V13 N . -18.57 9.67 -29.22
ZN ZN O . 9.55 -11.39 -22.68
C1 EDO P . 16.54 -9.80 -2.49
O1 EDO P . 15.21 -9.30 -2.17
C2 EDO P . 16.78 -9.95 -4.01
O2 EDO P . 15.95 -9.17 -4.82
C1 EDO Q . 10.34 -8.40 -3.81
O1 EDO Q . 11.47 -9.23 -3.54
C2 EDO Q . 8.93 -8.98 -3.72
O2 EDO Q . 7.92 -7.98 -4.13
C1 EDO R . -0.68 -22.00 -18.38
O1 EDO R . -1.72 -22.10 -19.34
C2 EDO R . 0.61 -21.59 -18.98
O2 EDO R . 1.06 -20.28 -18.61
O20 V13 S . 9.04 -19.39 -20.37
S15 V13 S . 7.59 -19.08 -20.90
O19 V13 S . 7.61 -19.47 -22.38
C16 V13 S . 6.49 -20.20 -19.98
C17 V13 S . 7.22 -21.40 -19.40
O18 V13 S . 6.79 -22.62 -19.94
C1 V13 S . 7.51 -17.31 -20.98
C6 V13 S . 7.49 -16.46 -22.10
F11 V13 S . 7.36 -16.90 -23.35
C5 V13 S . 7.56 -15.10 -21.98
F12 V13 S . 7.44 -14.35 -23.07
C4 V13 S . 7.59 -14.49 -20.75
S7 V13 S . 7.89 -12.78 -20.57
O9 V13 S . 9.26 -12.86 -20.05
N10 V13 S . 7.82 -11.92 -21.87
O8 V13 S . 6.89 -12.37 -19.66
C3 V13 S . 7.72 -15.35 -19.67
F13 V13 S . 7.77 -14.78 -18.41
C2 V13 S . 7.65 -16.69 -19.79
F14 V13 S . 7.65 -17.37 -18.61
#